data_8QWF
#
_entry.id   8QWF
#
_cell.length_a   1.00
_cell.length_b   1.00
_cell.length_c   1.00
_cell.angle_alpha   90.00
_cell.angle_beta   90.00
_cell.angle_gamma   90.00
#
_symmetry.space_group_name_H-M   'P 1'
#
loop_
_entity.id
_entity.type
_entity.pdbx_description
1 polymer ReChb
2 polymer crRNA
3 polymer 'non target DNA'
4 polymer 'target DNA'
5 non-polymer 'MAGNESIUM ION'
#
loop_
_entity_poly.entity_id
_entity_poly.type
_entity_poly.pdbx_seq_one_letter_code
_entity_poly.pdbx_strand_id
1 'polypeptide(L)'
;GPKMFSNFTNQYPLSKTLRFELKPVGKTLEHIEKKGLLEQDEKRAEDYKKVKKIIDEYHKDFIEEALNNVKLNGEGLEEY
YELYFKKNKDDKDKKKKEFEKIQDNLRKQIVEAFKNHEKYKNLFKKELIKEDLPNWLKNSEDTGEEDKETVEKFKNFTTY
FTGFHENRKNMYSDEEKSTAIAYRLIHENLPKFLDNMKVFEKIKEKHPEAEQLEKTLKDLGEEEVLGGNNVEDIFSLDYF
NHTLTQSGIDIYNTIIGGKTEEDGNKKIQGLNEYINLYRQKNNEKNRKLPKLKPLYKQILSDRESLSFIPEAFENDEELL
EAIEEFYENLNFSNNNEATNVLEKLKELLSNLADYDLNKIYIRNDTSLTDISQKIFGDWSVIKDALNAHYDQTYPKKKKK
KSKEKLEEKREKWLKKQKYFSIAELQEALDSYCKESDESKEQKENSIADYFKTLAQTKNETDKKTDLIENIKSKYQYPND
KKLAQDKEFKDVEKIKAFLDSIMNLQHFVKPLHLVKGGSAGAEMEKDEAFYSEFEALYEELSQVIPLYNKVRNYLTQKPY
STEKIKLNFENSTLLDGWDVNKETDNTSVLLRKDGLYYLGIMNKKHNKVFENIPESNENDKCYEKMDYKLLPGANKMLPK
VFFSNKNIDYFNPSAEILEIYENGTHKKSGDNFNLDDCHKLIDFFKESINKHEDWKKFGFKFSPTSSYEDISGFYREVEQ
QGYKISFKNISESYIDELVDEGKLYLFQIYNKDFSPYSKGKPNLHTLYWKALFDEENLKDVVYKLNGEAEVFYRKASINE
TIVHKANEPIKNKNPLNPKKQSTFEYDIIKDRRYTVDKFQFHVPITMNFKAEGNSNINDEVNEFLKGNAPDVNIIGIDRG
ERHLLYLTLIDQKGKIVEQDSLNTITNEHNETDYHALLDDKEKERDKARKSWGTIENIKELKEGYLSQVVHKIAKLMVEH
NAIVVMEDLNFGFKRGRFKVEKQVYQKFEKMLIDKLNYLVDKDKEPNEPGGLLNAYQLTNKFESFQKMGKQSGFLFYVPA
WNTSKIDPTTGFVNLFHPRYENVEKAKEFFNKFDSIRYNSEKDYFEFAFDYNNFTEKAEGTKWTVCTYGERIKTYRNADK
NNQWDSKEVNVTEEFKNLFDEYNIDYKNGNDLKEAILSQDDADFFKSLLHLLRLTLQMRNSITGTEIDYIISPVANENGE
FFDSRKADESLPKDADANGAYHIARKGLWVLEQIKQTDDLKKVNLAISNKEWLEFVQERKN
;
A
2 'polyribonucleotide' GAAUUUCUACUGUUGUAGAUUCCUAAGGCGUUACCCCAAU C
3 'polydeoxyribonucleotide'
;(DC)(DC)(DC)(DT)(DC)(DC)(DC)(DA)(DT)(DT)(DG)(DG)(DG)(DG)(DT)(DA)(DA)(DC)(DG)(DC)
(DC)(DT)(DT)(DA)(DG)(DG)(DA)(DT)(DA)(DA)(DA)(DT)(DA)(DT)(DG)(DC)(DT)(DA)(DG)
;
T
4 'polydeoxyribonucleotide'
;(DC)(DT)(DA)(DG)(DC)(DA)(DT)(DA)(DT)(DT)(DT)(DA)(DT)(DC)(DC)(DT)(DA)(DA)(DG)(DG)
(DC)(DG)(DT)(DT)(DA)(DC)(DC)(DC)(DC)(DA)(DA)(DT)(DG)(DG)(DG)(DA)(DG)(DG)(DG)
;
N
#
# COMPACT_ATOMS: atom_id res chain seq x y z
N GLY A 1 -14.22 -4.58 34.92
CA GLY A 1 -15.07 -5.58 34.29
C GLY A 1 -15.37 -5.27 32.83
N PRO A 2 -16.40 -5.91 32.28
CA PRO A 2 -16.76 -5.70 30.88
C PRO A 2 -17.62 -4.46 30.62
N LYS A 3 -17.72 -3.56 31.59
CA LYS A 3 -18.60 -2.40 31.45
C LYS A 3 -18.12 -1.45 30.36
N MET A 4 -16.84 -1.49 29.99
CA MET A 4 -16.32 -0.54 29.02
C MET A 4 -16.98 -0.71 27.65
N PHE A 5 -16.86 -1.90 27.07
CA PHE A 5 -17.36 -2.16 25.73
C PHE A 5 -18.80 -2.66 25.72
N SER A 6 -19.45 -2.76 26.88
CA SER A 6 -20.83 -3.24 26.93
C SER A 6 -21.78 -2.28 26.23
N ASN A 7 -21.46 -0.99 26.22
CA ASN A 7 -22.31 0.02 25.60
C ASN A 7 -21.81 0.45 24.22
N PHE A 8 -20.87 -0.28 23.64
CA PHE A 8 -20.29 0.07 22.35
C PHE A 8 -20.60 -1.00 21.30
N THR A 9 -21.81 -1.54 21.36
CA THR A 9 -22.30 -2.49 20.38
C THR A 9 -23.49 -1.90 19.64
N ASN A 10 -23.66 -2.29 18.38
CA ASN A 10 -24.75 -1.81 17.53
C ASN A 10 -24.69 -0.29 17.38
N GLN A 11 -23.57 0.17 16.82
CA GLN A 11 -23.35 1.60 16.63
C GLN A 11 -23.62 2.07 15.20
N TYR A 12 -23.01 1.42 14.22
CA TYR A 12 -23.17 1.80 12.82
C TYR A 12 -23.25 0.54 11.97
N PRO A 13 -23.90 0.60 10.80
CA PRO A 13 -24.01 -0.58 9.95
C PRO A 13 -22.75 -0.81 9.12
N LEU A 14 -22.54 -2.08 8.78
CA LEU A 14 -21.42 -2.50 7.94
C LEU A 14 -21.94 -3.37 6.81
N SER A 15 -21.19 -3.40 5.71
CA SER A 15 -21.52 -4.21 4.56
C SER A 15 -20.31 -5.05 4.19
N LYS A 16 -20.53 -6.35 3.95
CA LYS A 16 -19.45 -7.27 3.62
C LYS A 16 -19.96 -8.29 2.62
N THR A 17 -19.03 -8.91 1.91
CA THR A 17 -19.33 -9.88 0.87
C THR A 17 -18.80 -11.24 1.30
N LEU A 18 -19.69 -12.21 1.43
CA LEU A 18 -19.31 -13.58 1.73
C LEU A 18 -19.15 -14.36 0.43
N ARG A 19 -18.15 -15.22 0.38
CA ARG A 19 -17.86 -16.02 -0.80
C ARG A 19 -18.06 -17.50 -0.49
N PHE A 20 -18.59 -18.23 -1.45
CA PHE A 20 -18.89 -19.64 -1.29
C PHE A 20 -18.54 -20.37 -2.58
N GLU A 21 -18.74 -21.67 -2.59
CA GLU A 21 -18.55 -22.50 -3.77
C GLU A 21 -19.86 -23.21 -4.09
N LEU A 22 -20.20 -23.24 -5.37
CA LEU A 22 -21.45 -23.84 -5.82
C LEU A 22 -21.14 -25.23 -6.40
N LYS A 23 -21.70 -26.26 -5.76
CA LYS A 23 -21.56 -27.63 -6.24
C LYS A 23 -22.83 -28.03 -6.96
N PRO A 24 -22.81 -28.22 -8.28
CA PRO A 24 -24.04 -28.61 -8.99
C PRO A 24 -24.61 -29.91 -8.47
N VAL A 25 -25.93 -29.96 -8.38
CA VAL A 25 -26.65 -31.09 -7.79
C VAL A 25 -27.44 -31.78 -8.90
N GLY A 26 -27.37 -33.11 -8.92
CA GLY A 26 -28.12 -33.86 -9.92
C GLY A 26 -27.60 -33.58 -11.32
N LYS A 27 -28.53 -33.35 -12.25
CA LYS A 27 -28.19 -33.14 -13.65
C LYS A 27 -27.97 -31.67 -13.98
N THR A 28 -27.63 -30.85 -13.00
CA THR A 28 -27.40 -29.42 -13.26
C THR A 28 -26.22 -29.22 -14.19
N LEU A 29 -25.08 -29.84 -13.87
CA LEU A 29 -23.88 -29.67 -14.70
C LEU A 29 -24.08 -30.24 -16.09
N GLU A 30 -24.78 -31.38 -16.19
CA GLU A 30 -25.02 -32.00 -17.48
C GLU A 30 -25.81 -31.06 -18.38
N HIS A 31 -26.87 -30.45 -17.85
CA HIS A 31 -27.68 -29.54 -18.65
C HIS A 31 -26.93 -28.24 -18.95
N ILE A 32 -26.11 -27.77 -18.01
CA ILE A 32 -25.31 -26.57 -18.25
C ILE A 32 -24.36 -26.81 -19.42
N GLU A 33 -23.69 -27.96 -19.42
CA GLU A 33 -22.80 -28.30 -20.53
C GLU A 33 -23.58 -28.49 -21.83
N LYS A 34 -24.74 -29.15 -21.76
CA LYS A 34 -25.51 -29.42 -22.97
C LYS A 34 -25.98 -28.12 -23.64
N LYS A 35 -26.47 -27.17 -22.85
CA LYS A 35 -26.92 -25.90 -23.40
C LYS A 35 -25.77 -24.94 -23.69
N GLY A 36 -24.54 -25.30 -23.34
CA GLY A 36 -23.40 -24.46 -23.63
C GLY A 36 -23.45 -23.11 -22.92
N LEU A 37 -23.80 -23.11 -21.64
CA LEU A 37 -23.91 -21.89 -20.87
C LEU A 37 -22.58 -21.41 -20.32
N LEU A 38 -21.49 -22.14 -20.56
CA LEU A 38 -20.16 -21.73 -20.10
C LEU A 38 -19.36 -21.07 -21.21
N GLU A 39 -19.36 -21.66 -22.42
CA GLU A 39 -18.71 -21.02 -23.55
C GLU A 39 -19.38 -19.69 -23.89
N GLN A 40 -20.72 -19.66 -23.83
CA GLN A 40 -21.44 -18.43 -24.11
C GLN A 40 -21.05 -17.32 -23.13
N ASP A 41 -20.97 -17.65 -21.84
CA ASP A 41 -20.64 -16.66 -20.84
C ASP A 41 -19.17 -16.30 -20.81
N GLU A 42 -18.29 -17.17 -21.33
CA GLU A 42 -16.89 -16.79 -21.45
C GLU A 42 -16.64 -15.96 -22.70
N LYS A 43 -17.47 -16.12 -23.73
CA LYS A 43 -17.39 -15.24 -24.90
C LYS A 43 -18.02 -13.88 -24.58
N ARG A 44 -19.06 -13.86 -23.74
CA ARG A 44 -19.66 -12.60 -23.34
C ARG A 44 -18.68 -11.71 -22.60
N ALA A 45 -17.71 -12.31 -21.89
CA ALA A 45 -16.71 -11.50 -21.21
C ALA A 45 -15.85 -10.73 -22.20
N GLU A 46 -15.37 -11.41 -23.24
CA GLU A 46 -14.57 -10.75 -24.28
C GLU A 46 -15.41 -9.71 -25.01
N ASP A 47 -16.66 -10.04 -25.33
CA ASP A 47 -17.53 -9.08 -26.01
C ASP A 47 -17.77 -7.86 -25.13
N TYR A 48 -17.99 -8.08 -23.84
CA TYR A 48 -18.19 -6.98 -22.90
C TYR A 48 -16.97 -6.08 -22.83
N LYS A 49 -15.77 -6.68 -22.78
CA LYS A 49 -14.55 -5.87 -22.75
C LYS A 49 -14.40 -5.05 -24.02
N LYS A 50 -14.64 -5.67 -25.19
CA LYS A 50 -14.50 -4.95 -26.44
C LYS A 50 -15.51 -3.81 -26.57
N VAL A 51 -16.77 -4.07 -26.18
CA VAL A 51 -17.77 -3.01 -26.25
C VAL A 51 -17.47 -1.90 -25.25
N LYS A 52 -16.93 -2.25 -24.08
CA LYS A 52 -16.54 -1.23 -23.12
C LYS A 52 -15.41 -0.37 -23.68
N LYS A 53 -14.46 -0.98 -24.39
CA LYS A 53 -13.41 -0.20 -25.03
C LYS A 53 -13.98 0.72 -26.12
N ILE A 54 -14.94 0.21 -26.89
CA ILE A 54 -15.57 1.04 -27.93
C ILE A 54 -16.30 2.22 -27.31
N ILE A 55 -17.03 1.97 -26.21
CA ILE A 55 -17.71 3.06 -25.51
C ILE A 55 -16.71 4.03 -24.91
N ASP A 56 -15.56 3.55 -24.45
CA ASP A 56 -14.51 4.43 -23.96
C ASP A 56 -14.00 5.34 -25.08
N GLU A 57 -13.83 4.79 -26.28
CA GLU A 57 -13.43 5.62 -27.42
C GLU A 57 -14.51 6.66 -27.74
N TYR A 58 -15.77 6.25 -27.67
CA TYR A 58 -16.88 7.19 -27.92
C TYR A 58 -16.86 8.32 -26.89
N HIS A 59 -16.64 7.98 -25.62
CA HIS A 59 -16.53 9.00 -24.59
C HIS A 59 -15.32 9.90 -24.82
N LYS A 60 -14.22 9.32 -25.30
CA LYS A 60 -13.04 10.11 -25.63
C LYS A 60 -13.37 11.17 -26.66
N ASP A 61 -14.03 10.76 -27.74
CA ASP A 61 -14.41 11.70 -28.79
C ASP A 61 -15.41 12.74 -28.27
N PHE A 62 -16.35 12.31 -27.42
CA PHE A 62 -17.33 13.26 -26.89
C PHE A 62 -16.65 14.30 -26.01
N ILE A 63 -15.69 13.88 -25.19
CA ILE A 63 -14.95 14.82 -24.35
C ILE A 63 -14.17 15.80 -25.22
N GLU A 64 -13.50 15.28 -26.26
CA GLU A 64 -12.73 16.16 -27.14
C GLU A 64 -13.63 17.13 -27.90
N GLU A 65 -14.87 16.72 -28.20
CA GLU A 65 -15.79 17.58 -28.93
C GLU A 65 -16.51 18.58 -28.05
N ALA A 66 -16.65 18.29 -26.75
CA ALA A 66 -17.39 19.18 -25.85
C ALA A 66 -16.52 20.28 -25.28
N LEU A 67 -15.38 19.93 -24.71
CA LEU A 67 -14.49 20.92 -24.09
C LEU A 67 -13.79 21.81 -25.10
N ASN A 68 -13.90 21.52 -26.40
CA ASN A 68 -13.25 22.35 -27.40
C ASN A 68 -13.98 23.69 -27.57
N ASN A 69 -15.29 23.71 -27.37
CA ASN A 69 -16.09 24.89 -27.64
C ASN A 69 -16.40 25.72 -26.40
N VAL A 70 -15.94 25.31 -25.22
CA VAL A 70 -16.22 26.07 -24.01
C VAL A 70 -15.27 27.25 -23.92
N LYS A 71 -15.80 28.40 -23.51
CA LYS A 71 -15.02 29.62 -23.33
C LYS A 71 -15.23 30.12 -21.91
N LEU A 72 -14.22 29.99 -21.07
CA LEU A 72 -14.32 30.46 -19.70
C LEU A 72 -14.46 31.98 -19.67
N ASN A 73 -15.13 32.47 -18.62
CA ASN A 73 -15.36 33.90 -18.49
C ASN A 73 -14.06 34.68 -18.38
N GLY A 74 -13.02 34.07 -17.83
CA GLY A 74 -11.74 34.77 -17.67
C GLY A 74 -11.64 35.63 -16.42
N GLU A 75 -12.66 36.44 -16.14
CA GLU A 75 -12.66 37.24 -14.92
C GLU A 75 -12.67 36.35 -13.69
N GLY A 76 -13.46 35.28 -13.70
CA GLY A 76 -13.39 34.30 -12.64
C GLY A 76 -12.05 33.59 -12.60
N LEU A 77 -11.46 33.34 -13.78
CA LEU A 77 -10.10 32.80 -13.82
C LEU A 77 -9.12 33.74 -13.15
N GLU A 78 -9.25 35.05 -13.40
CA GLU A 78 -8.37 36.02 -12.75
C GLU A 78 -8.62 36.06 -11.24
N GLU A 79 -9.87 35.91 -10.83
CA GLU A 79 -10.16 35.87 -9.39
C GLU A 79 -9.51 34.67 -8.74
N TYR A 80 -9.58 33.50 -9.38
CA TYR A 80 -8.92 32.33 -8.84
C TYR A 80 -7.41 32.50 -8.84
N TYR A 81 -6.87 33.15 -9.88
CA TYR A 81 -5.44 33.42 -9.96
C TYR A 81 -4.98 34.29 -8.79
N GLU A 82 -5.70 35.38 -8.53
CA GLU A 82 -5.29 36.28 -7.45
C GLU A 82 -5.48 35.62 -6.08
N LEU A 83 -6.53 34.82 -5.91
CA LEU A 83 -6.71 34.12 -4.65
C LEU A 83 -5.61 33.08 -4.42
N TYR A 84 -5.19 32.41 -5.48
CA TYR A 84 -4.12 31.42 -5.35
C TYR A 84 -2.78 32.05 -5.01
N PHE A 85 -2.64 33.36 -5.19
CA PHE A 85 -1.39 34.06 -4.93
C PHE A 85 -1.51 35.05 -3.76
N LYS A 86 -2.49 34.86 -2.88
CA LYS A 86 -2.67 35.71 -1.71
C LYS A 86 -1.81 35.29 -0.53
N LYS A 87 -0.77 34.50 -0.77
CA LYS A 87 0.17 34.05 0.26
C LYS A 87 -0.51 33.14 1.28
N ASN A 88 0.26 32.63 2.24
CA ASN A 88 -0.29 31.70 3.23
C ASN A 88 -1.37 32.37 4.08
N LYS A 89 -1.05 33.52 4.67
CA LYS A 89 -1.97 34.26 5.53
C LYS A 89 -2.62 33.35 6.57
N ASP A 90 -3.96 33.31 6.56
CA ASP A 90 -4.70 32.43 7.46
C ASP A 90 -5.94 31.94 6.74
N ASP A 91 -6.46 30.80 7.21
CA ASP A 91 -7.66 30.20 6.61
C ASP A 91 -8.90 30.92 7.15
N LYS A 92 -9.02 32.18 6.75
CA LYS A 92 -10.12 33.04 7.18
C LYS A 92 -11.36 32.73 6.34
N ASP A 93 -12.40 33.56 6.50
CA ASP A 93 -13.63 33.37 5.74
C ASP A 93 -13.37 33.53 4.24
N LYS A 94 -12.60 34.55 3.86
CA LYS A 94 -12.29 34.77 2.45
C LYS A 94 -11.53 33.58 1.86
N LYS A 95 -10.35 33.28 2.43
CA LYS A 95 -9.40 32.35 1.82
C LYS A 95 -10.03 30.98 1.57
N LYS A 96 -11.02 30.59 2.36
CA LYS A 96 -11.70 29.32 2.17
C LYS A 96 -13.00 29.46 1.38
N LYS A 97 -13.88 30.36 1.82
CA LYS A 97 -15.20 30.47 1.20
C LYS A 97 -15.10 30.88 -0.26
N GLU A 98 -14.34 31.93 -0.57
CA GLU A 98 -14.25 32.38 -1.95
C GLU A 98 -13.47 31.40 -2.81
N PHE A 99 -12.46 30.75 -2.24
CA PHE A 99 -11.74 29.69 -2.93
C PHE A 99 -12.70 28.60 -3.40
N GLU A 100 -13.50 28.07 -2.46
CA GLU A 100 -14.46 27.03 -2.81
C GLU A 100 -15.52 27.54 -3.77
N LYS A 101 -15.96 28.79 -3.60
CA LYS A 101 -17.00 29.34 -4.47
C LYS A 101 -16.51 29.43 -5.91
N ILE A 102 -15.28 29.93 -6.10
CA ILE A 102 -14.74 30.04 -7.46
C ILE A 102 -14.47 28.67 -8.05
N GLN A 103 -13.97 27.73 -7.24
CA GLN A 103 -13.76 26.37 -7.75
C GLN A 103 -15.08 25.75 -8.20
N ASP A 104 -16.13 25.92 -7.40
CA ASP A 104 -17.43 25.36 -7.76
C ASP A 104 -18.01 26.05 -8.98
N ASN A 105 -17.80 27.36 -9.11
CA ASN A 105 -18.29 28.08 -10.28
C ASN A 105 -17.63 27.58 -11.56
N LEU A 106 -16.30 27.43 -11.53
CA LEU A 106 -15.59 26.93 -12.70
C LEU A 106 -16.00 25.49 -13.03
N ARG A 107 -16.12 24.64 -12.00
CA ARG A 107 -16.54 23.27 -12.23
C ARG A 107 -17.93 23.20 -12.84
N LYS A 108 -18.85 24.01 -12.33
CA LYS A 108 -20.20 24.03 -12.87
C LYS A 108 -20.22 24.59 -14.30
N GLN A 109 -19.35 25.55 -14.60
CA GLN A 109 -19.24 26.03 -15.97
C GLN A 109 -18.80 24.91 -16.92
N ILE A 110 -17.79 24.14 -16.50
CA ILE A 110 -17.33 23.03 -17.34
C ILE A 110 -18.43 21.98 -17.50
N VAL A 111 -19.13 21.66 -16.42
CA VAL A 111 -20.19 20.67 -16.49
C VAL A 111 -21.34 21.17 -17.35
N GLU A 112 -21.64 22.46 -17.30
CA GLU A 112 -22.66 23.04 -18.18
C GLU A 112 -22.24 22.94 -19.64
N ALA A 113 -20.95 23.15 -19.91
CA ALA A 113 -20.43 22.91 -21.25
C ALA A 113 -20.65 21.46 -21.68
N PHE A 114 -20.45 20.53 -20.75
CA PHE A 114 -20.71 19.12 -21.05
C PHE A 114 -22.18 18.89 -21.38
N LYS A 115 -23.08 19.43 -20.55
CA LYS A 115 -24.50 19.12 -20.68
C LYS A 115 -25.11 19.70 -21.94
N ASN A 116 -24.63 20.87 -22.39
CA ASN A 116 -25.22 21.53 -23.55
C ASN A 116 -25.11 20.70 -24.82
N HIS A 117 -24.11 19.83 -24.90
CA HIS A 117 -23.89 19.05 -26.11
C HIS A 117 -25.04 18.06 -26.30
N GLU A 118 -25.46 17.87 -27.56
CA GLU A 118 -26.63 17.05 -27.84
C GLU A 118 -26.41 15.60 -27.45
N LYS A 119 -25.19 15.08 -27.64
CA LYS A 119 -24.93 13.68 -27.35
C LYS A 119 -25.09 13.34 -25.87
N TYR A 120 -25.09 14.33 -25.00
CA TYR A 120 -25.19 14.07 -23.57
C TYR A 120 -26.59 13.64 -23.14
N LYS A 121 -27.60 13.87 -23.98
CA LYS A 121 -28.97 13.56 -23.59
C LYS A 121 -29.17 12.05 -23.41
N ASN A 122 -28.59 11.25 -24.28
CA ASN A 122 -28.73 9.79 -24.26
C ASN A 122 -27.38 9.11 -24.27
N LEU A 123 -26.43 9.64 -23.49
CA LEU A 123 -25.09 9.07 -23.43
C LEU A 123 -25.01 7.86 -22.49
N PHE A 124 -26.00 7.68 -21.62
CA PHE A 124 -25.99 6.59 -20.64
C PHE A 124 -27.28 5.78 -20.73
N LYS A 125 -27.84 5.63 -21.92
CA LYS A 125 -29.10 4.95 -22.12
C LYS A 125 -28.94 3.87 -23.18
N LYS A 126 -30.03 3.14 -23.43
CA LYS A 126 -30.02 2.12 -24.47
C LYS A 126 -29.76 2.72 -25.85
N GLU A 127 -30.02 4.01 -26.02
CA GLU A 127 -29.77 4.67 -27.30
C GLU A 127 -28.30 4.56 -27.69
N LEU A 128 -27.40 4.73 -26.71
CA LEU A 128 -25.97 4.69 -26.98
C LEU A 128 -25.57 3.41 -27.70
N ILE A 129 -25.98 2.26 -27.17
CA ILE A 129 -25.58 0.99 -27.78
C ILE A 129 -26.50 0.57 -28.92
N LYS A 130 -27.69 1.17 -29.03
CA LYS A 130 -28.61 0.75 -30.08
C LYS A 130 -28.42 1.52 -31.38
N GLU A 131 -28.36 2.85 -31.31
CA GLU A 131 -28.25 3.68 -32.50
C GLU A 131 -26.98 4.51 -32.55
N ASP A 132 -26.63 5.18 -31.44
CA ASP A 132 -25.54 6.14 -31.48
C ASP A 132 -24.19 5.48 -31.76
N LEU A 133 -23.90 4.38 -31.07
CA LEU A 133 -22.62 3.70 -31.29
C LEU A 133 -22.50 3.11 -32.69
N PRO A 134 -23.48 2.38 -33.23
CA PRO A 134 -23.36 1.94 -34.63
C PRO A 134 -23.22 3.09 -35.60
N ASN A 135 -23.95 4.18 -35.40
CA ASN A 135 -23.82 5.35 -36.28
C ASN A 135 -22.45 5.96 -36.18
N TRP A 136 -21.93 6.10 -34.95
CA TRP A 136 -20.60 6.65 -34.75
C TRP A 136 -19.54 5.78 -35.41
N LEU A 137 -19.67 4.45 -35.29
CA LEU A 137 -18.73 3.55 -35.96
C LEU A 137 -18.83 3.68 -37.48
N LYS A 138 -20.05 3.76 -38.00
CA LYS A 138 -20.23 3.90 -39.45
C LYS A 138 -19.62 5.19 -39.96
N ASN A 139 -19.75 6.27 -39.19
CA ASN A 139 -19.13 7.53 -39.59
C ASN A 139 -17.62 7.41 -39.69
N SER A 140 -16.99 6.72 -38.74
CA SER A 140 -15.56 6.49 -38.80
C SER A 140 -15.19 5.66 -40.02
N GLU A 141 -14.16 6.11 -40.75
CA GLU A 141 -13.77 5.42 -41.97
C GLU A 141 -13.09 4.09 -41.67
N ASP A 142 -12.17 4.06 -40.70
CA ASP A 142 -11.47 2.82 -40.37
C ASP A 142 -12.43 1.76 -39.86
N THR A 143 -13.28 2.13 -38.89
CA THR A 143 -14.31 1.28 -38.28
C THR A 143 -13.93 -0.20 -38.22
N GLY A 144 -14.76 -1.07 -38.80
CA GLY A 144 -14.51 -2.50 -38.78
C GLY A 144 -15.77 -3.30 -38.54
N GLU A 145 -16.00 -4.31 -39.38
CA GLU A 145 -17.18 -5.15 -39.21
C GLU A 145 -17.15 -5.91 -37.89
N GLU A 146 -15.95 -6.21 -37.38
CA GLU A 146 -15.85 -6.88 -36.09
C GLU A 146 -16.40 -6.02 -34.96
N ASP A 147 -16.08 -4.72 -34.98
CA ASP A 147 -16.57 -3.82 -33.94
C ASP A 147 -18.08 -3.66 -34.03
N LYS A 148 -18.61 -3.50 -35.24
CA LYS A 148 -20.06 -3.37 -35.39
C LYS A 148 -20.78 -4.63 -34.95
N GLU A 149 -20.23 -5.81 -35.29
CA GLU A 149 -20.84 -7.05 -34.83
C GLU A 149 -20.79 -7.17 -33.32
N THR A 150 -19.66 -6.79 -32.71
CA THR A 150 -19.54 -6.85 -31.26
C THR A 150 -20.54 -5.93 -30.58
N VAL A 151 -20.74 -4.73 -31.12
CA VAL A 151 -21.74 -3.82 -30.56
C VAL A 151 -23.15 -4.35 -30.77
N GLU A 152 -23.41 -4.93 -31.95
CA GLU A 152 -24.73 -5.45 -32.26
C GLU A 152 -25.08 -6.67 -31.42
N LYS A 153 -24.09 -7.38 -30.91
CA LYS A 153 -24.37 -8.51 -30.02
C LYS A 153 -25.01 -8.08 -28.71
N PHE A 154 -25.00 -6.78 -28.40
CA PHE A 154 -25.60 -6.26 -27.16
C PHE A 154 -26.78 -5.33 -27.46
N LYS A 155 -27.44 -5.52 -28.60
CA LYS A 155 -28.55 -4.66 -28.98
C LYS A 155 -29.81 -4.96 -28.17
N ASN A 156 -29.90 -6.13 -27.56
CA ASN A 156 -31.01 -6.49 -26.69
C ASN A 156 -30.54 -6.87 -25.30
N PHE A 157 -29.35 -6.41 -24.91
CA PHE A 157 -28.71 -6.80 -23.65
C PHE A 157 -28.11 -5.59 -22.96
N THR A 158 -28.73 -4.43 -23.13
CA THR A 158 -28.13 -3.17 -22.69
C THR A 158 -28.06 -3.05 -21.18
N THR A 159 -28.99 -3.66 -20.45
CA THR A 159 -29.00 -3.55 -18.99
C THR A 159 -27.73 -4.09 -18.36
N TYR A 160 -26.98 -4.93 -19.09
CA TYR A 160 -25.70 -5.43 -18.62
C TYR A 160 -24.66 -4.33 -18.49
N PHE A 161 -24.90 -3.14 -19.05
CA PHE A 161 -23.96 -2.03 -19.01
C PHE A 161 -24.36 -0.99 -17.97
N THR A 162 -25.29 -1.30 -17.07
CA THR A 162 -25.73 -0.31 -16.08
C THR A 162 -24.60 0.07 -15.15
N GLY A 163 -23.85 -0.91 -14.64
CA GLY A 163 -22.72 -0.59 -13.77
C GLY A 163 -21.65 0.23 -14.47
N PHE A 164 -21.35 -0.12 -15.72
CA PHE A 164 -20.37 0.64 -16.48
C PHE A 164 -20.85 2.07 -16.71
N HIS A 165 -22.13 2.25 -17.02
CA HIS A 165 -22.67 3.60 -17.20
C HIS A 165 -22.62 4.40 -15.90
N GLU A 166 -22.88 3.74 -14.76
CA GLU A 166 -22.73 4.43 -13.48
C GLU A 166 -21.28 4.82 -13.23
N ASN A 167 -20.34 3.96 -13.62
CA ASN A 167 -18.93 4.29 -13.50
C ASN A 167 -18.55 5.47 -14.38
N ARG A 168 -19.11 5.53 -15.59
CA ARG A 168 -18.79 6.61 -16.52
C ARG A 168 -19.60 7.88 -16.26
N LYS A 169 -20.60 7.83 -15.38
CA LYS A 169 -21.31 9.04 -15.00
C LYS A 169 -20.51 9.92 -14.06
N ASN A 170 -19.53 9.34 -13.36
CA ASN A 170 -18.77 10.10 -12.37
C ASN A 170 -17.94 11.21 -13.01
N MET A 171 -17.47 11.00 -14.24
CA MET A 171 -16.62 12.00 -14.89
C MET A 171 -17.39 13.29 -15.15
N TYR A 172 -18.66 13.18 -15.54
CA TYR A 172 -19.48 14.37 -15.81
C TYR A 172 -20.28 14.74 -14.56
N SER A 173 -19.56 15.16 -13.53
CA SER A 173 -20.17 15.48 -12.25
C SER A 173 -19.65 16.83 -11.74
N ASP A 174 -20.43 17.42 -10.83
CA ASP A 174 -20.08 18.71 -10.24
C ASP A 174 -19.26 18.57 -8.96
N GLU A 175 -19.45 17.47 -8.23
CA GLU A 175 -18.78 17.31 -6.95
C GLU A 175 -17.27 17.22 -7.12
N GLU A 176 -16.55 17.58 -6.07
CA GLU A 176 -15.08 17.59 -6.09
C GLU A 176 -14.54 16.18 -5.82
N LYS A 177 -14.87 15.26 -6.72
CA LYS A 177 -14.39 13.89 -6.65
C LYS A 177 -13.26 13.70 -7.65
N SER A 178 -12.30 12.84 -7.28
CA SER A 178 -11.12 12.65 -8.11
C SER A 178 -11.47 12.08 -9.48
N THR A 179 -12.55 11.30 -9.57
CA THR A 179 -12.97 10.71 -10.84
C THR A 179 -13.94 11.64 -11.56
N ALA A 180 -13.41 12.80 -11.96
CA ALA A 180 -14.22 13.80 -12.65
C ALA A 180 -13.30 14.61 -13.57
N ILE A 181 -13.91 15.20 -14.59
CA ILE A 181 -13.17 16.02 -15.54
C ILE A 181 -13.07 17.47 -15.07
N ALA A 182 -14.20 18.03 -14.63
CA ALA A 182 -14.18 19.40 -14.10
C ALA A 182 -13.30 19.50 -12.87
N TYR A 183 -13.40 18.52 -11.97
CA TYR A 183 -12.56 18.55 -10.77
C TYR A 183 -11.10 18.53 -11.13
N ARG A 184 -10.70 17.66 -12.07
CA ARG A 184 -9.31 17.64 -12.51
C ARG A 184 -8.91 18.99 -13.09
N LEU A 185 -9.67 19.49 -14.07
CA LEU A 185 -9.28 20.69 -14.79
C LEU A 185 -9.31 21.94 -13.93
N ILE A 186 -9.95 21.90 -12.76
CA ILE A 186 -9.98 23.08 -11.88
C ILE A 186 -9.14 22.90 -10.63
N HIS A 187 -8.77 21.69 -10.25
CA HIS A 187 -8.04 21.47 -8.99
C HIS A 187 -6.66 20.87 -9.16
N GLU A 188 -6.34 20.22 -10.28
CA GLU A 188 -5.04 19.59 -10.44
C GLU A 188 -4.24 20.19 -11.59
N ASN A 189 -4.85 20.37 -12.76
CA ASN A 189 -4.13 20.93 -13.90
C ASN A 189 -3.83 22.41 -13.69
N LEU A 190 -4.84 23.18 -13.26
CA LEU A 190 -4.66 24.62 -13.14
C LEU A 190 -3.60 25.01 -12.10
N PRO A 191 -3.54 24.42 -10.91
CA PRO A 191 -2.43 24.77 -10.00
C PRO A 191 -1.06 24.54 -10.61
N LYS A 192 -0.88 23.45 -11.37
CA LYS A 192 0.38 23.23 -12.05
C LYS A 192 0.64 24.32 -13.09
N PHE A 193 -0.42 24.74 -13.79
CA PHE A 193 -0.27 25.83 -14.77
C PHE A 193 0.19 27.11 -14.10
N LEU A 194 -0.39 27.44 -12.94
CA LEU A 194 0.02 28.66 -12.25
C LEU A 194 1.42 28.52 -11.65
N ASP A 195 1.79 27.32 -11.20
CA ASP A 195 3.15 27.11 -10.72
C ASP A 195 4.16 27.31 -11.86
N ASN A 196 3.86 26.78 -13.04
CA ASN A 196 4.71 27.02 -14.20
C ASN A 196 4.77 28.51 -14.53
N MET A 197 3.63 29.19 -14.47
CA MET A 197 3.59 30.62 -14.73
C MET A 197 4.51 31.38 -13.78
N LYS A 198 4.46 31.06 -12.49
CA LYS A 198 5.23 31.82 -11.52
C LYS A 198 6.72 31.47 -11.59
N VAL A 199 7.06 30.20 -11.82
CA VAL A 199 8.47 29.87 -11.96
C VAL A 199 9.05 30.50 -13.22
N PHE A 200 8.26 30.61 -14.29
CA PHE A 200 8.71 31.33 -15.46
C PHE A 200 8.90 32.81 -15.15
N GLU A 201 7.89 33.44 -14.54
CA GLU A 201 7.96 34.86 -14.24
C GLU A 201 9.10 35.18 -13.27
N LYS A 202 9.61 34.18 -12.56
CA LYS A 202 10.81 34.38 -11.75
C LYS A 202 12.08 34.18 -12.58
N ILE A 203 12.23 33.00 -13.17
CA ILE A 203 13.50 32.63 -13.81
C ILE A 203 13.78 33.52 -15.02
N LYS A 204 12.78 33.70 -15.89
CA LYS A 204 13.00 34.51 -17.08
C LYS A 204 13.29 35.96 -16.71
N GLU A 205 12.56 36.52 -15.74
CA GLU A 205 12.79 37.89 -15.33
C GLU A 205 14.12 38.08 -14.61
N LYS A 206 14.69 37.01 -14.05
CA LYS A 206 16.05 37.10 -13.54
C LYS A 206 17.04 37.44 -14.67
N HIS A 207 16.84 36.85 -15.84
CA HIS A 207 17.64 37.02 -17.05
C HIS A 207 19.13 36.74 -16.88
N PRO A 208 19.55 35.57 -16.32
CA PRO A 208 20.90 35.07 -16.55
C PRO A 208 20.98 34.17 -17.77
N GLU A 209 20.52 34.68 -18.92
CA GLU A 209 20.19 33.82 -20.04
C GLU A 209 21.43 33.19 -20.66
N ALA A 210 21.37 31.87 -20.87
CA ALA A 210 22.34 31.15 -21.67
C ALA A 210 21.68 30.19 -22.66
N GLU A 211 20.40 29.90 -22.50
CA GLU A 211 19.67 29.00 -23.37
C GLU A 211 19.07 29.78 -24.54
N GLN A 212 18.20 29.14 -25.31
CA GLN A 212 17.52 29.77 -26.43
C GLN A 212 16.13 30.21 -25.98
N LEU A 213 15.83 31.50 -26.14
CA LEU A 213 14.54 32.02 -25.75
C LEU A 213 13.40 31.53 -26.63
N GLU A 214 13.71 31.03 -27.83
CA GLU A 214 12.75 30.51 -28.80
C GLU A 214 11.82 31.57 -29.34
N LYS A 215 12.05 32.85 -29.01
CA LYS A 215 11.22 33.91 -29.55
C LYS A 215 11.37 34.02 -31.06
N THR A 216 12.59 33.90 -31.56
CA THR A 216 12.85 33.99 -32.99
C THR A 216 12.97 32.61 -33.62
N ASN A 230 1.92 34.54 -29.32
CA ASN A 230 2.93 33.81 -30.08
C ASN A 230 4.07 33.36 -29.19
N VAL A 231 4.40 32.07 -29.25
CA VAL A 231 5.49 31.47 -28.50
C VAL A 231 5.27 31.63 -27.00
N GLU A 232 5.24 32.88 -26.53
CA GLU A 232 5.03 33.16 -25.11
C GLU A 232 3.56 33.05 -24.71
N ASP A 233 2.63 33.01 -25.68
CA ASP A 233 1.22 32.88 -25.35
C ASP A 233 0.91 31.58 -24.61
N ILE A 234 1.79 30.58 -24.70
CA ILE A 234 1.57 29.32 -24.00
C ILE A 234 1.57 29.53 -22.50
N PHE A 235 2.40 30.43 -21.99
CA PHE A 235 2.51 30.66 -20.56
C PHE A 235 1.64 31.80 -20.05
N SER A 236 1.23 32.72 -20.91
CA SER A 236 0.39 33.82 -20.49
C SER A 236 -1.03 33.34 -20.22
N LEU A 237 -1.80 34.18 -19.53
CA LEU A 237 -3.17 33.83 -19.20
C LEU A 237 -4.04 33.87 -20.47
N ASP A 238 -5.30 33.49 -20.31
CA ASP A 238 -6.28 33.32 -21.38
C ASP A 238 -5.94 32.16 -22.30
N TYR A 239 -4.87 31.42 -22.02
CA TYR A 239 -4.50 30.24 -22.79
C TYR A 239 -4.93 28.94 -22.11
N PHE A 240 -5.32 28.99 -20.84
CA PHE A 240 -5.80 27.80 -20.15
C PHE A 240 -7.04 27.21 -20.81
N ASN A 241 -7.79 28.01 -21.56
CA ASN A 241 -8.93 27.48 -22.30
C ASN A 241 -8.47 26.48 -23.36
N HIS A 242 -7.33 26.75 -23.99
CA HIS A 242 -6.85 25.87 -25.06
C HIS A 242 -6.43 24.51 -24.52
N THR A 243 -5.83 24.47 -23.34
CA THR A 243 -5.34 23.22 -22.76
C THR A 243 -6.42 22.49 -21.95
N LEU A 244 -7.70 22.81 -22.19
CA LEU A 244 -8.76 22.11 -21.48
C LEU A 244 -8.93 20.68 -22.01
N THR A 245 -8.86 20.51 -23.32
CA THR A 245 -9.00 19.19 -23.92
C THR A 245 -7.70 18.39 -23.76
N GLN A 246 -7.70 17.17 -24.29
CA GLN A 246 -6.49 16.36 -24.27
C GLN A 246 -5.50 16.86 -25.31
N SER A 247 -5.99 17.33 -26.46
CA SER A 247 -5.11 17.89 -27.47
C SER A 247 -4.38 19.11 -26.95
N GLY A 248 -5.08 19.99 -26.23
CA GLY A 248 -4.43 21.14 -25.63
C GLY A 248 -3.39 20.76 -24.60
N ILE A 249 -3.69 19.76 -23.78
CA ILE A 249 -2.72 19.29 -22.78
C ILE A 249 -1.49 18.74 -23.47
N ASP A 250 -1.69 17.96 -24.54
CA ASP A 250 -0.54 17.40 -25.27
C ASP A 250 0.30 18.49 -25.91
N ILE A 251 -0.36 19.52 -26.47
CA ILE A 251 0.37 20.64 -27.06
C ILE A 251 1.17 21.38 -25.99
N TYR A 252 0.55 21.61 -24.83
CA TYR A 252 1.25 22.26 -23.73
C TYR A 252 2.47 21.43 -23.28
N ASN A 253 2.30 20.12 -23.20
CA ASN A 253 3.39 19.25 -22.77
C ASN A 253 4.53 19.24 -23.78
N THR A 254 4.20 19.17 -25.08
CA THR A 254 5.26 19.14 -26.09
C THR A 254 5.94 20.49 -26.21
N ILE A 255 5.23 21.59 -25.93
CA ILE A 255 5.89 22.88 -25.79
C ILE A 255 6.83 22.86 -24.59
N ILE A 256 6.37 22.29 -23.47
CA ILE A 256 7.23 22.11 -22.31
C ILE A 256 8.36 21.14 -22.65
N GLY A 257 8.03 20.02 -23.27
CA GLY A 257 9.02 19.03 -23.64
C GLY A 257 9.56 18.26 -22.44
N GLY A 258 10.60 17.49 -22.70
CA GLY A 258 11.24 16.68 -21.68
C GLY A 258 10.41 15.50 -21.23
N LYS A 267 9.57 13.82 -31.51
CA LYS A 267 10.90 14.30 -31.12
C LYS A 267 11.08 15.76 -31.48
N ILE A 268 10.65 16.64 -30.57
CA ILE A 268 10.72 18.09 -30.78
C ILE A 268 11.26 18.72 -29.50
N GLN A 269 12.15 19.70 -29.67
CA GLN A 269 12.74 20.39 -28.52
C GLN A 269 11.67 21.06 -27.67
N GLY A 270 11.85 21.00 -26.35
CA GLY A 270 10.90 21.58 -25.43
C GLY A 270 11.51 22.57 -24.47
N LEU A 271 10.67 23.39 -23.83
CA LEU A 271 11.17 24.39 -22.88
C LEU A 271 11.81 23.73 -21.66
N ASN A 272 11.21 22.65 -21.16
CA ASN A 272 11.77 21.96 -20.01
C ASN A 272 13.15 21.38 -20.33
N GLU A 273 13.31 20.82 -21.52
CA GLU A 273 14.62 20.31 -21.92
C GLU A 273 15.65 21.44 -21.99
N TYR A 274 15.25 22.58 -22.56
CA TYR A 274 16.16 23.72 -22.62
C TYR A 274 16.56 24.20 -21.23
N ILE A 275 15.61 24.29 -20.30
CA ILE A 275 15.94 24.79 -18.98
C ILE A 275 16.79 23.78 -18.22
N ASN A 276 16.52 22.48 -18.39
CA ASN A 276 17.34 21.46 -17.74
C ASN A 276 18.77 21.49 -18.25
N LEU A 277 18.95 21.64 -19.56
CA LEU A 277 20.29 21.78 -20.11
C LEU A 277 20.93 23.10 -19.69
N TYR A 278 20.12 24.13 -19.47
CA TYR A 278 20.61 25.45 -19.08
C TYR A 278 21.02 25.52 -17.62
N ARG A 279 20.54 24.60 -16.78
CA ARG A 279 20.97 24.60 -15.39
C ARG A 279 22.38 24.03 -15.26
N GLN A 280 23.39 24.77 -15.69
CA GLN A 280 24.77 24.37 -15.49
C GLN A 280 25.64 25.61 -15.34
N LYS A 281 26.93 25.39 -15.05
CA LYS A 281 27.93 26.44 -14.81
C LYS A 281 27.64 27.25 -13.56
N ASN A 282 26.82 26.72 -12.66
CA ASN A 282 26.50 27.32 -11.36
C ASN A 282 25.80 28.67 -11.47
N ASN A 283 25.43 29.11 -12.68
CA ASN A 283 24.65 30.34 -12.80
C ASN A 283 23.20 30.11 -12.41
N GLU A 284 22.62 28.97 -12.81
CA GLU A 284 21.27 28.61 -12.40
C GLU A 284 21.16 27.13 -12.05
N LYS A 285 22.29 26.43 -11.88
CA LYS A 285 22.26 24.99 -11.65
C LYS A 285 21.53 24.64 -10.36
N ASN A 286 21.78 25.40 -9.28
CA ASN A 286 21.14 25.10 -8.00
C ASN A 286 19.63 25.25 -8.07
N ARG A 287 19.13 26.11 -8.95
CA ARG A 287 17.69 26.39 -9.03
C ARG A 287 17.00 25.34 -9.92
N LYS A 288 16.99 24.11 -9.40
CA LYS A 288 16.30 23.01 -10.08
C LYS A 288 14.85 22.89 -9.65
N LEU A 289 14.49 23.41 -8.48
CA LEU A 289 13.09 23.40 -8.05
C LEU A 289 12.15 24.10 -9.02
N PRO A 290 12.47 25.27 -9.60
CA PRO A 290 11.54 25.91 -10.53
C PRO A 290 11.30 25.16 -11.83
N LYS A 291 11.88 23.96 -11.99
CA LYS A 291 11.68 23.18 -13.21
C LYS A 291 10.20 23.02 -13.54
N LEU A 292 9.88 23.15 -14.83
CA LEU A 292 8.49 23.16 -15.27
C LEU A 292 7.89 21.77 -15.17
N LYS A 293 6.84 21.63 -14.36
CA LYS A 293 6.12 20.37 -14.22
C LYS A 293 5.06 20.24 -15.31
N PRO A 294 4.99 19.11 -16.00
CA PRO A 294 3.97 18.95 -17.04
C PRO A 294 2.57 18.83 -16.45
N LEU A 295 1.59 19.20 -17.26
CA LEU A 295 0.20 19.10 -16.84
C LEU A 295 -0.22 17.64 -16.74
N TYR A 296 -1.17 17.37 -15.85
CA TYR A 296 -1.73 16.03 -15.76
C TYR A 296 -2.52 15.68 -17.02
N LYS A 297 -2.51 14.39 -17.35
CA LYS A 297 -3.28 13.89 -18.48
C LYS A 297 -4.78 14.03 -18.22
N GLN A 298 -5.51 14.32 -19.29
CA GLN A 298 -6.96 14.44 -19.21
C GLN A 298 -7.57 13.08 -18.84
N ILE A 299 -8.65 13.14 -18.05
CA ILE A 299 -9.33 11.91 -17.63
C ILE A 299 -9.78 11.13 -18.85
N LEU A 300 -9.49 9.84 -18.86
CA LEU A 300 -9.86 8.94 -19.95
C LEU A 300 -9.25 9.42 -21.28
N SER A 301 -7.92 9.49 -21.29
CA SER A 301 -7.19 9.88 -22.50
C SER A 301 -5.77 9.31 -22.42
N ASP A 302 -5.29 8.78 -23.53
CA ASP A 302 -3.97 8.17 -23.57
C ASP A 302 -3.45 8.06 -25.01
N PHE A 313 8.71 -15.48 -25.14
CA PHE A 313 8.77 -16.52 -26.16
C PHE A 313 7.48 -17.31 -26.20
N GLU A 314 7.50 -18.42 -26.95
CA GLU A 314 6.33 -19.27 -27.12
C GLU A 314 6.42 -20.56 -26.31
N ASN A 315 7.54 -21.27 -26.41
CA ASN A 315 7.74 -22.51 -25.67
C ASN A 315 9.24 -22.73 -25.49
N ASP A 316 9.59 -23.87 -24.90
CA ASP A 316 11.00 -24.20 -24.71
C ASP A 316 11.68 -24.54 -26.03
N GLU A 317 10.92 -25.01 -27.02
CA GLU A 317 11.50 -25.36 -28.31
C GLU A 317 12.12 -24.15 -28.98
N GLU A 318 11.43 -23.01 -28.98
CA GLU A 318 11.95 -21.81 -29.61
C GLU A 318 13.19 -21.30 -28.87
N LEU A 319 13.17 -21.37 -27.53
CA LEU A 319 14.33 -20.94 -26.76
C LEU A 319 15.54 -21.83 -27.06
N LEU A 320 15.33 -23.14 -27.14
CA LEU A 320 16.43 -24.04 -27.49
C LEU A 320 16.94 -23.78 -28.90
N GLU A 321 16.03 -23.52 -29.84
CA GLU A 321 16.44 -23.20 -31.20
C GLU A 321 17.29 -21.93 -31.24
N ALA A 322 16.87 -20.89 -30.52
CA ALA A 322 17.64 -19.65 -30.48
C ALA A 322 19.00 -19.86 -29.83
N ILE A 323 19.05 -20.66 -28.76
CA ILE A 323 20.31 -20.93 -28.08
C ILE A 323 21.26 -21.67 -29.01
N GLU A 324 20.77 -22.68 -29.73
CA GLU A 324 21.61 -23.42 -30.65
C GLU A 324 22.05 -22.54 -31.83
N GLU A 325 21.16 -21.67 -32.30
CA GLU A 325 21.53 -20.75 -33.37
C GLU A 325 22.67 -19.83 -32.93
N PHE A 326 22.57 -19.29 -31.72
CA PHE A 326 23.64 -18.41 -31.24
C PHE A 326 24.92 -19.17 -30.96
N TYR A 327 24.80 -20.43 -30.50
CA TYR A 327 25.99 -21.26 -30.32
C TYR A 327 26.70 -21.51 -31.65
N GLU A 328 25.92 -21.79 -32.71
CA GLU A 328 26.50 -21.97 -34.02
C GLU A 328 27.13 -20.69 -34.54
N ASN A 329 26.47 -19.55 -34.31
CA ASN A 329 27.02 -18.27 -34.72
C ASN A 329 28.30 -17.94 -33.96
N LEU A 330 28.43 -18.43 -32.72
CA LEU A 330 29.59 -18.10 -31.91
C LEU A 330 30.81 -18.94 -32.28
N ASN A 331 30.68 -20.27 -32.18
CA ASN A 331 31.80 -21.16 -32.43
C ASN A 331 31.93 -21.53 -33.90
N PHE A 332 30.83 -21.94 -34.54
CA PHE A 332 30.79 -22.34 -35.95
C PHE A 332 31.73 -23.54 -36.11
N SER A 333 32.46 -23.63 -37.23
CA SER A 333 33.37 -24.76 -37.47
C SER A 333 34.72 -24.30 -37.99
N ASN A 334 35.08 -23.03 -37.75
CA ASN A 334 36.36 -22.48 -38.19
C ASN A 334 36.54 -22.58 -39.70
N ASN A 335 35.50 -22.21 -40.43
CA ASN A 335 35.50 -22.20 -41.88
C ASN A 335 35.47 -20.76 -42.39
N ASN A 336 36.14 -20.53 -43.53
CA ASN A 336 36.26 -19.19 -44.11
C ASN A 336 36.89 -18.22 -43.10
N GLU A 337 38.14 -18.54 -42.73
CA GLU A 337 38.89 -17.83 -41.71
C GLU A 337 38.29 -18.08 -40.33
N ALA A 338 39.02 -17.74 -39.27
CA ALA A 338 38.58 -18.00 -37.91
C ALA A 338 37.45 -17.05 -37.56
N THR A 339 36.21 -17.55 -37.63
CA THR A 339 35.03 -16.76 -37.27
C THR A 339 34.60 -16.98 -35.83
N ASN A 340 35.29 -17.83 -35.08
CA ASN A 340 34.96 -18.07 -33.68
C ASN A 340 35.27 -16.82 -32.87
N VAL A 341 34.21 -16.15 -32.39
CA VAL A 341 34.39 -14.88 -31.68
C VAL A 341 35.10 -15.10 -30.35
N LEU A 342 34.89 -16.25 -29.71
CA LEU A 342 35.47 -16.48 -28.39
C LEU A 342 37.00 -16.44 -28.42
N GLU A 343 37.61 -17.05 -29.44
CA GLU A 343 39.06 -17.05 -29.56
C GLU A 343 39.60 -15.86 -30.32
N LYS A 344 38.83 -15.34 -31.30
CA LYS A 344 39.29 -14.17 -32.05
C LYS A 344 39.39 -12.94 -31.15
N LEU A 345 38.40 -12.72 -30.29
CA LEU A 345 38.45 -11.61 -29.35
C LEU A 345 39.60 -11.78 -28.37
N LYS A 346 39.82 -13.01 -27.90
CA LYS A 346 40.93 -13.29 -27.00
C LYS A 346 42.27 -12.95 -27.65
N GLU A 347 42.45 -13.38 -28.90
CA GLU A 347 43.69 -13.09 -29.62
C GLU A 347 43.85 -11.59 -29.85
N LEU A 348 42.76 -10.90 -30.20
CA LEU A 348 42.83 -9.46 -30.43
C LEU A 348 43.21 -8.72 -29.16
N LEU A 349 42.64 -9.12 -28.02
CA LEU A 349 43.02 -8.49 -26.76
C LEU A 349 44.45 -8.83 -26.37
N SER A 350 44.90 -10.05 -26.68
CA SER A 350 46.30 -10.40 -26.44
C SER A 350 47.24 -9.57 -27.31
N ASN A 351 46.78 -9.15 -28.48
CA ASN A 351 47.58 -8.32 -29.39
C ASN A 351 47.50 -6.84 -29.07
N LEU A 352 46.79 -6.46 -28.00
CA LEU A 352 46.69 -5.05 -27.64
C LEU A 352 48.04 -4.44 -27.32
N ALA A 353 48.96 -5.24 -26.76
CA ALA A 353 50.27 -4.70 -26.38
C ALA A 353 51.04 -4.17 -27.60
N ASP A 354 51.00 -4.91 -28.71
CA ASP A 354 51.71 -4.46 -29.91
C ASP A 354 51.08 -3.20 -30.49
N TYR A 355 49.77 -3.07 -30.41
CA TYR A 355 49.08 -1.91 -30.94
C TYR A 355 49.43 -0.66 -30.12
N ASP A 356 49.50 0.48 -30.81
CA ASP A 356 49.80 1.73 -30.15
C ASP A 356 48.70 2.11 -29.17
N LEU A 357 49.11 2.59 -27.99
CA LEU A 357 48.19 2.95 -26.93
C LEU A 357 47.78 4.42 -26.96
N ASN A 358 48.31 5.20 -27.90
CA ASN A 358 48.00 6.62 -27.96
C ASN A 358 46.63 6.90 -28.56
N LYS A 359 46.01 5.91 -29.22
CA LYS A 359 44.71 6.09 -29.85
C LYS A 359 43.63 5.16 -29.32
N ILE A 360 43.97 4.23 -28.43
CA ILE A 360 42.99 3.32 -27.85
C ILE A 360 42.30 4.01 -26.68
N TYR A 361 40.98 4.00 -26.68
CA TYR A 361 40.19 4.70 -25.66
C TYR A 361 39.58 3.71 -24.68
N ILE A 362 39.19 4.22 -23.52
CA ILE A 362 38.65 3.41 -22.44
C ILE A 362 37.45 4.12 -21.84
N ARG A 363 36.45 3.34 -21.43
CA ARG A 363 35.25 3.89 -20.83
C ARG A 363 35.55 4.44 -19.43
N ASN A 364 34.81 5.48 -19.05
CA ASN A 364 34.92 6.09 -17.74
C ASN A 364 33.92 5.52 -16.73
N ASP A 365 33.15 4.51 -17.12
CA ASP A 365 32.09 3.96 -16.28
C ASP A 365 32.69 3.01 -15.25
N THR A 366 31.81 2.25 -14.57
CA THR A 366 32.22 1.31 -13.53
C THR A 366 33.25 0.29 -14.02
N SER A 367 33.42 0.15 -15.34
CA SER A 367 34.49 -0.68 -15.86
C SER A 367 35.85 -0.26 -15.31
N LEU A 368 36.05 1.05 -15.14
CA LEU A 368 37.28 1.52 -14.51
C LEU A 368 37.40 1.04 -13.07
N THR A 369 36.27 1.03 -12.34
CA THR A 369 36.28 0.51 -10.98
C THR A 369 36.66 -0.97 -10.96
N ASP A 370 36.11 -1.76 -11.89
CA ASP A 370 36.47 -3.16 -11.97
C ASP A 370 37.94 -3.35 -12.30
N ILE A 371 38.46 -2.54 -13.24
CA ILE A 371 39.86 -2.63 -13.62
C ILE A 371 40.76 -2.30 -12.43
N SER A 372 40.40 -1.26 -11.67
CA SER A 372 41.16 -0.91 -10.48
C SER A 372 41.10 -2.02 -9.45
N GLN A 373 39.92 -2.62 -9.25
CA GLN A 373 39.78 -3.68 -8.25
C GLN A 373 40.55 -4.92 -8.63
N LYS A 374 40.70 -5.19 -9.93
CA LYS A 374 41.41 -6.40 -10.34
C LYS A 374 42.92 -6.19 -10.44
N ILE A 375 43.37 -5.08 -11.04
CA ILE A 375 44.80 -4.86 -11.23
C ILE A 375 45.49 -4.64 -9.88
N PHE A 376 44.94 -3.76 -9.05
CA PHE A 376 45.60 -3.34 -7.82
C PHE A 376 44.98 -3.90 -6.55
N GLY A 377 43.74 -4.38 -6.60
CA GLY A 377 43.02 -4.77 -5.42
C GLY A 377 42.24 -3.65 -4.75
N ASP A 378 42.53 -2.40 -5.11
CA ASP A 378 41.78 -1.24 -4.63
C ASP A 378 41.01 -0.65 -5.81
N TRP A 379 39.72 -0.41 -5.61
CA TRP A 379 38.85 0.04 -6.68
C TRP A 379 38.91 1.54 -6.93
N SER A 380 39.72 2.28 -6.17
CA SER A 380 39.78 3.73 -6.29
C SER A 380 41.16 4.25 -6.71
N VAL A 381 42.10 3.36 -7.01
CA VAL A 381 43.46 3.80 -7.32
C VAL A 381 43.49 4.58 -8.64
N ILE A 382 42.87 4.03 -9.68
CA ILE A 382 42.94 4.67 -10.99
C ILE A 382 42.15 5.97 -11.01
N LYS A 383 40.98 5.99 -10.35
CA LYS A 383 40.20 7.21 -10.31
C LYS A 383 40.89 8.30 -9.51
N ASP A 384 41.58 7.92 -8.42
CA ASP A 384 42.35 8.90 -7.66
C ASP A 384 43.53 9.42 -8.46
N ALA A 385 44.18 8.55 -9.23
CA ALA A 385 45.27 9.00 -10.10
C ALA A 385 44.76 9.97 -11.15
N LEU A 386 43.59 9.69 -11.72
CA LEU A 386 43.02 10.58 -12.74
C LEU A 386 42.56 11.90 -12.15
N ASN A 387 42.07 11.88 -10.91
CA ASN A 387 41.57 13.10 -10.27
C ASN A 387 42.64 13.87 -9.50
N ALA A 388 43.85 13.33 -9.39
CA ALA A 388 44.91 13.98 -8.65
C ALA A 388 46.13 14.34 -9.48
N HIS A 389 46.44 13.56 -10.52
CA HIS A 389 47.65 13.78 -11.31
C HIS A 389 47.37 14.14 -12.76
N TYR A 390 46.34 13.56 -13.37
CA TYR A 390 46.01 13.90 -14.75
C TYR A 390 45.66 15.37 -14.89
N ASP A 391 44.80 15.87 -14.02
CA ASP A 391 44.39 17.28 -14.04
C ASP A 391 43.69 17.59 -12.73
N GLN A 392 43.56 18.89 -12.45
CA GLN A 392 42.92 19.35 -11.23
C GLN A 392 41.60 20.05 -11.54
N LYS A 412 38.96 23.45 -11.32
CA LYS A 412 37.84 23.37 -12.25
C LYS A 412 37.05 22.09 -12.04
N TRP A 413 36.15 21.78 -12.99
CA TRP A 413 35.31 20.61 -12.92
C TRP A 413 35.91 19.40 -13.64
N LEU A 414 37.21 19.44 -13.93
CA LEU A 414 38.00 18.36 -14.53
C LEU A 414 37.71 18.18 -16.02
N LYS A 415 36.73 18.90 -16.58
CA LYS A 415 36.28 18.69 -17.95
C LYS A 415 35.96 17.22 -18.20
N LYS A 416 34.98 16.74 -17.43
CA LYS A 416 34.60 15.34 -17.45
C LYS A 416 34.25 14.88 -18.86
N GLN A 417 35.02 13.92 -19.37
CA GLN A 417 34.82 13.36 -20.69
C GLN A 417 34.43 11.90 -20.57
N LYS A 418 33.69 11.40 -21.56
CA LYS A 418 33.17 10.04 -21.50
C LYS A 418 34.28 9.02 -21.72
N TYR A 419 35.16 9.25 -22.68
CA TYR A 419 36.20 8.31 -23.05
C TYR A 419 37.57 8.91 -22.78
N PHE A 420 38.39 8.20 -22.01
CA PHE A 420 39.79 8.56 -21.81
C PHE A 420 40.63 7.84 -22.86
N SER A 421 41.95 7.88 -22.70
CA SER A 421 42.86 7.19 -23.59
C SER A 421 43.78 6.28 -22.79
N ILE A 422 44.14 5.14 -23.40
CA ILE A 422 44.94 4.14 -22.70
C ILE A 422 46.30 4.70 -22.31
N ALA A 423 46.91 5.48 -23.20
CA ALA A 423 48.21 6.08 -22.89
C ALA A 423 48.11 7.01 -21.69
N GLU A 424 47.03 7.77 -21.58
CA GLU A 424 46.85 8.67 -20.45
C GLU A 424 46.70 7.89 -19.14
N LEU A 425 45.95 6.79 -19.16
CA LEU A 425 45.84 5.95 -17.97
C LEU A 425 47.18 5.33 -17.60
N GLN A 426 47.96 4.90 -18.58
CA GLN A 426 49.28 4.36 -18.30
C GLN A 426 50.17 5.43 -17.66
N GLU A 427 50.15 6.64 -18.20
CA GLU A 427 50.95 7.73 -17.63
C GLU A 427 50.51 8.05 -16.20
N ALA A 428 49.20 8.10 -15.97
CA ALA A 428 48.69 8.38 -14.63
C ALA A 428 49.07 7.29 -13.65
N LEU A 429 48.97 6.02 -14.06
CA LEU A 429 49.33 4.91 -13.18
C LEU A 429 50.82 4.79 -12.97
N ASP A 430 51.64 5.36 -13.87
CA ASP A 430 53.07 5.39 -13.64
C ASP A 430 53.46 6.29 -12.49
N SER A 431 52.57 7.20 -12.08
CA SER A 431 52.83 8.09 -10.94
C SER A 431 51.49 8.34 -10.25
N TYR A 432 51.20 7.58 -9.20
CA TYR A 432 49.96 7.71 -8.45
C TYR A 432 50.24 7.90 -6.96
N CYS A 433 51.40 8.46 -6.64
CA CYS A 433 51.81 8.85 -5.29
C CYS A 433 52.17 7.64 -4.42
N LYS A 434 51.96 6.44 -4.96
CA LYS A 434 52.37 5.19 -4.31
C LYS A 434 51.94 5.15 -2.85
N GLU A 435 50.62 5.19 -2.64
CA GLU A 435 50.04 5.21 -1.30
C GLU A 435 50.63 4.10 -0.42
N SER A 436 50.47 2.85 -0.83
CA SER A 436 51.04 1.72 -0.10
C SER A 436 51.27 0.59 -1.09
N ASP A 437 52.52 0.42 -1.52
CA ASP A 437 52.93 -0.63 -2.45
C ASP A 437 54.45 -0.68 -2.45
N GLU A 438 55.00 -1.51 -3.33
CA GLU A 438 56.44 -1.54 -3.52
C GLU A 438 56.94 -0.21 -4.07
N SER A 439 58.17 0.14 -3.70
CA SER A 439 58.77 1.39 -4.18
C SER A 439 58.71 1.50 -5.69
N LYS A 440 59.03 0.42 -6.39
CA LYS A 440 58.88 0.33 -7.84
C LYS A 440 57.94 -0.80 -8.18
N GLU A 441 56.91 -0.50 -8.97
CA GLU A 441 55.90 -1.47 -9.35
C GLU A 441 56.16 -1.96 -10.77
N GLN A 442 56.16 -3.27 -10.95
CA GLN A 442 56.39 -3.88 -12.25
C GLN A 442 55.08 -3.96 -13.05
N LYS A 443 54.48 -2.79 -13.26
CA LYS A 443 53.22 -2.72 -13.98
C LYS A 443 53.41 -3.02 -15.47
N GLU A 444 54.45 -2.45 -16.07
CA GLU A 444 54.73 -2.57 -17.51
C GLU A 444 53.48 -2.05 -18.24
N ASN A 445 52.91 -2.79 -19.18
CA ASN A 445 51.65 -2.41 -19.82
C ASN A 445 50.49 -2.98 -19.00
N SER A 446 50.27 -2.35 -17.85
CA SER A 446 49.36 -2.91 -16.85
C SER A 446 47.96 -3.10 -17.40
N ILE A 447 47.45 -2.11 -18.15
CA ILE A 447 46.11 -2.24 -18.73
C ILE A 447 46.06 -3.39 -19.73
N ALA A 448 47.03 -3.43 -20.63
CA ALA A 448 47.07 -4.51 -21.62
C ALA A 448 47.39 -5.84 -20.97
N ASP A 449 48.25 -5.84 -19.94
CA ASP A 449 48.55 -7.06 -19.21
C ASP A 449 47.30 -7.65 -18.57
N TYR A 450 46.51 -6.80 -17.92
CA TYR A 450 45.25 -7.26 -17.34
C TYR A 450 44.28 -7.74 -18.42
N PHE A 451 44.20 -7.01 -19.53
CA PHE A 451 43.31 -7.41 -20.62
C PHE A 451 43.65 -8.80 -21.11
N LYS A 452 44.92 -9.05 -21.45
CA LYS A 452 45.31 -10.37 -21.95
C LYS A 452 45.20 -11.43 -20.86
N THR A 453 45.49 -11.06 -19.61
CA THR A 453 45.35 -12.02 -18.52
C THR A 453 43.91 -12.54 -18.43
N LEU A 454 42.95 -11.62 -18.37
CA LEU A 454 41.56 -12.05 -18.31
C LEU A 454 41.13 -12.70 -19.62
N ALA A 455 41.78 -12.35 -20.74
CA ALA A 455 41.41 -12.92 -22.02
C ALA A 455 41.72 -14.41 -22.09
N GLN A 456 42.94 -14.80 -21.74
CA GLN A 456 43.31 -16.22 -21.84
C GLN A 456 43.68 -16.89 -20.52
N THR A 457 44.47 -16.25 -19.66
CA THR A 457 45.02 -16.95 -18.51
C THR A 457 44.15 -16.84 -17.26
N LYS A 458 42.96 -16.22 -17.38
CA LYS A 458 42.09 -16.07 -16.21
C LYS A 458 41.62 -17.43 -15.71
N ASN A 459 41.03 -18.24 -16.60
CA ASN A 459 40.55 -19.56 -16.22
C ASN A 459 40.90 -20.66 -17.19
N GLU A 460 41.34 -20.35 -18.42
CA GLU A 460 41.59 -21.35 -19.46
C GLU A 460 40.38 -22.24 -19.70
N THR A 461 39.18 -21.72 -19.45
CA THR A 461 37.96 -22.50 -19.58
C THR A 461 36.86 -21.67 -20.27
N ASP A 462 37.25 -20.67 -21.06
CA ASP A 462 36.27 -19.87 -21.78
C ASP A 462 35.48 -20.73 -22.77
N LYS A 463 36.17 -21.60 -23.49
CA LYS A 463 35.49 -22.51 -24.40
C LYS A 463 34.69 -23.55 -23.62
N LYS A 464 33.48 -23.83 -24.10
CA LYS A 464 32.61 -24.78 -23.43
C LYS A 464 32.79 -26.19 -24.01
N LYS A 490 18.88 -28.24 -23.10
CA LYS A 490 17.51 -28.19 -22.60
C LYS A 490 17.48 -27.80 -21.13
N ASP A 491 18.39 -28.35 -20.35
CA ASP A 491 18.48 -28.04 -18.93
C ASP A 491 18.77 -26.55 -18.72
N VAL A 492 18.09 -25.96 -17.75
CA VAL A 492 18.26 -24.54 -17.47
C VAL A 492 19.66 -24.26 -16.93
N GLU A 493 20.21 -25.19 -16.14
CA GLU A 493 21.49 -24.96 -15.47
C GLU A 493 22.62 -24.73 -16.47
N LYS A 494 22.70 -25.59 -17.49
CA LYS A 494 23.76 -25.45 -18.49
C LYS A 494 23.58 -24.18 -19.31
N ILE A 495 22.35 -23.91 -19.75
CA ILE A 495 22.09 -22.70 -20.53
C ILE A 495 22.37 -21.47 -19.69
N LYS A 496 21.96 -21.48 -18.43
CA LYS A 496 22.19 -20.31 -17.57
C LYS A 496 23.67 -20.10 -17.31
N ALA A 497 24.43 -21.18 -17.10
CA ALA A 497 25.87 -21.03 -16.91
C ALA A 497 26.55 -20.49 -18.16
N PHE A 498 26.18 -21.01 -19.33
CA PHE A 498 26.74 -20.51 -20.57
C PHE A 498 26.43 -19.03 -20.77
N LEU A 499 25.17 -18.65 -20.52
CA LEU A 499 24.80 -17.24 -20.65
C LEU A 499 25.55 -16.38 -19.65
N ASP A 500 25.69 -16.86 -18.41
CA ASP A 500 26.42 -16.09 -17.40
C ASP A 500 27.84 -15.82 -17.84
N SER A 501 28.55 -16.86 -18.30
CA SER A 501 29.90 -16.67 -18.79
C SER A 501 29.93 -15.71 -19.97
N ILE A 502 28.95 -15.84 -20.87
CA ILE A 502 28.96 -15.03 -22.08
C ILE A 502 28.78 -13.55 -21.78
N MET A 503 27.79 -13.19 -20.95
CA MET A 503 27.67 -11.76 -20.73
C MET A 503 28.68 -11.25 -19.71
N ASN A 504 29.30 -12.13 -18.90
CA ASN A 504 30.46 -11.70 -18.13
C ASN A 504 31.60 -11.29 -19.04
N LEU A 505 31.87 -12.10 -20.07
CA LEU A 505 32.90 -11.75 -21.04
C LEU A 505 32.54 -10.48 -21.80
N GLN A 506 31.26 -10.33 -22.17
CA GLN A 506 30.86 -9.14 -22.92
C GLN A 506 30.93 -7.89 -22.05
N HIS A 507 30.61 -7.99 -20.76
CA HIS A 507 30.80 -6.86 -19.86
C HIS A 507 32.27 -6.53 -19.70
N PHE A 508 33.13 -7.54 -19.64
CA PHE A 508 34.57 -7.30 -19.54
C PHE A 508 35.09 -6.56 -20.78
N VAL A 509 34.61 -6.94 -21.96
CA VAL A 509 35.10 -6.34 -23.20
C VAL A 509 34.37 -5.06 -23.57
N LYS A 510 33.25 -4.76 -22.90
CA LYS A 510 32.50 -3.55 -23.20
C LYS A 510 33.30 -2.25 -23.09
N PRO A 511 34.17 -2.05 -22.09
CA PRO A 511 34.88 -0.76 -21.99
C PRO A 511 35.60 -0.33 -23.26
N LEU A 512 36.15 -1.28 -24.02
CA LEU A 512 36.86 -0.93 -25.25
C LEU A 512 35.93 -0.59 -26.41
N HIS A 513 34.62 -0.79 -26.24
CA HIS A 513 33.66 -0.49 -27.29
C HIS A 513 33.32 0.99 -27.32
N LEU A 514 33.17 1.54 -28.52
CA LEU A 514 32.78 2.93 -28.71
C LEU A 514 31.24 3.00 -28.72
N VAL A 515 30.68 3.67 -27.71
CA VAL A 515 29.23 3.84 -27.64
C VAL A 515 28.81 5.03 -28.51
N LYS A 516 27.85 4.79 -29.40
CA LYS A 516 27.24 5.76 -30.30
C LYS A 516 28.33 6.59 -31.01
N GLY A 517 28.00 7.79 -31.43
CA GLY A 517 28.97 8.64 -32.11
C GLY A 517 28.90 10.06 -31.58
N GLY A 518 30.06 10.71 -31.55
CA GLY A 518 30.14 12.08 -31.06
C GLY A 518 29.78 12.22 -29.59
N SER A 519 30.22 11.28 -28.77
CA SER A 519 29.93 11.29 -27.34
C SER A 519 30.87 12.28 -26.66
N ALA A 520 30.38 13.51 -26.48
CA ALA A 520 31.13 14.58 -25.81
C ALA A 520 32.49 14.79 -26.47
N GLY A 521 32.51 14.82 -27.80
CA GLY A 521 33.75 15.05 -28.52
C GLY A 521 34.64 13.82 -28.48
N ALA A 522 35.94 14.06 -28.42
CA ALA A 522 36.98 13.01 -28.41
C ALA A 522 36.84 12.23 -29.70
N GLU A 523 36.77 10.89 -29.66
CA GLU A 523 36.58 10.02 -30.83
C GLU A 523 37.49 10.42 -31.98
N MET A 524 38.74 10.74 -31.66
CA MET A 524 39.72 11.11 -32.69
C MET A 524 40.08 9.88 -33.53
N GLU A 525 40.95 10.11 -34.52
CA GLU A 525 41.38 9.05 -35.42
C GLU A 525 41.86 7.83 -34.65
N LYS A 526 41.18 6.72 -34.85
CA LYS A 526 41.41 5.51 -34.08
C LYS A 526 42.44 4.61 -34.75
N ASP A 527 42.89 3.60 -34.00
CA ASP A 527 43.79 2.58 -34.54
C ASP A 527 43.00 1.69 -35.50
N GLU A 528 43.27 1.84 -36.80
CA GLU A 528 42.50 1.11 -37.81
C GLU A 528 42.65 -0.40 -37.64
N ALA A 529 43.90 -0.88 -37.60
CA ALA A 529 44.16 -2.32 -37.61
C ALA A 529 43.55 -3.04 -36.41
N PHE A 530 43.31 -2.33 -35.31
CA PHE A 530 42.68 -2.93 -34.12
C PHE A 530 41.18 -2.66 -34.07
N TYR A 531 40.81 -1.38 -34.12
CA TYR A 531 39.40 -1.02 -33.88
C TYR A 531 38.51 -1.37 -35.05
N SER A 532 39.04 -1.37 -36.27
CA SER A 532 38.23 -1.76 -37.42
C SER A 532 37.74 -3.19 -37.29
N GLU A 533 38.61 -4.09 -36.82
CA GLU A 533 38.19 -5.47 -36.55
C GLU A 533 37.38 -5.57 -35.26
N PHE A 534 37.72 -4.76 -34.25
CA PHE A 534 37.05 -4.84 -32.97
C PHE A 534 35.57 -4.46 -33.07
N GLU A 535 35.26 -3.41 -33.84
CA GLU A 535 33.87 -2.97 -33.96
C GLU A 535 33.02 -4.03 -34.66
N ALA A 536 33.57 -4.70 -35.67
CA ALA A 536 32.82 -5.75 -36.35
C ALA A 536 32.75 -7.03 -35.53
N LEU A 537 33.74 -7.27 -34.66
CA LEU A 537 33.69 -8.45 -33.80
C LEU A 537 32.74 -8.29 -32.64
N TYR A 538 32.63 -7.07 -32.09
CA TYR A 538 31.83 -6.89 -30.88
C TYR A 538 30.32 -6.93 -31.16
N GLU A 539 29.91 -6.58 -32.38
CA GLU A 539 28.48 -6.60 -32.68
C GLU A 539 27.91 -8.02 -32.63
N GLU A 540 28.71 -9.02 -32.99
CA GLU A 540 28.26 -10.41 -32.89
C GLU A 540 28.02 -10.81 -31.44
N LEU A 541 28.90 -10.38 -30.53
CA LEU A 541 28.74 -10.70 -29.12
C LEU A 541 27.74 -9.80 -28.42
N SER A 542 27.37 -8.68 -29.02
CA SER A 542 26.40 -7.78 -28.41
C SER A 542 24.96 -8.23 -28.59
N GLN A 543 24.72 -9.29 -29.36
CA GLN A 543 23.38 -9.82 -29.51
C GLN A 543 22.88 -10.53 -28.26
N VAL A 544 23.75 -10.74 -27.27
CA VAL A 544 23.35 -11.43 -26.05
C VAL A 544 22.39 -10.58 -25.24
N ILE A 545 22.60 -9.26 -25.21
CA ILE A 545 21.77 -8.38 -24.39
C ILE A 545 20.30 -8.50 -24.74
N PRO A 546 19.87 -8.39 -26.01
CA PRO A 546 18.45 -8.66 -26.30
C PRO A 546 18.08 -10.11 -26.07
N LEU A 547 19.00 -11.05 -26.36
CA LEU A 547 18.74 -12.45 -26.10
C LEU A 547 18.58 -12.71 -24.61
N TYR A 548 19.44 -12.10 -23.79
CA TYR A 548 19.33 -12.27 -22.34
C TYR A 548 18.05 -11.63 -21.82
N ASN A 549 17.66 -10.48 -22.37
CA ASN A 549 16.40 -9.85 -21.99
C ASN A 549 15.22 -10.75 -22.30
N LYS A 550 15.20 -11.33 -23.50
CA LYS A 550 14.13 -12.25 -23.87
C LYS A 550 14.11 -13.48 -22.98
N VAL A 551 15.28 -14.02 -22.66
CA VAL A 551 15.36 -15.20 -21.80
C VAL A 551 14.81 -14.89 -20.42
N ARG A 552 15.23 -13.76 -19.84
CA ARG A 552 14.76 -13.41 -18.50
C ARG A 552 13.29 -13.02 -18.50
N ASN A 553 12.76 -12.55 -19.64
CA ASN A 553 11.34 -12.24 -19.72
C ASN A 553 10.49 -13.49 -19.85
N TYR A 554 10.96 -14.48 -20.60
CA TYR A 554 10.17 -15.68 -20.85
C TYR A 554 10.27 -16.67 -19.71
N LEU A 555 11.50 -16.97 -19.26
CA LEU A 555 11.69 -17.98 -18.23
C LEU A 555 11.06 -17.59 -16.91
N THR A 556 10.97 -16.29 -16.62
CA THR A 556 10.40 -15.81 -15.36
C THR A 556 9.00 -15.28 -15.64
N GLN A 557 7.99 -16.08 -15.30
CA GLN A 557 6.60 -15.71 -15.52
C GLN A 557 5.71 -16.23 -14.40
N LYS A 558 3.51 -18.01 -10.95
CA LYS A 558 2.63 -18.60 -9.94
C LYS A 558 2.12 -19.96 -10.39
N PRO A 559 1.99 -20.89 -9.45
CA PRO A 559 1.52 -22.25 -9.82
C PRO A 559 0.10 -22.25 -10.36
N TYR A 560 -0.84 -21.64 -9.64
CA TYR A 560 -2.24 -21.62 -10.03
C TYR A 560 -2.61 -20.25 -10.57
N SER A 561 -3.85 -20.14 -11.05
CA SER A 561 -4.39 -18.90 -11.57
C SER A 561 -5.76 -18.65 -10.97
N THR A 562 -6.09 -17.37 -10.78
CA THR A 562 -7.33 -16.98 -10.12
C THR A 562 -8.27 -16.21 -11.05
N GLU A 563 -8.11 -16.39 -12.36
CA GLU A 563 -8.99 -15.74 -13.32
C GLU A 563 -10.30 -16.52 -13.42
N LYS A 564 -11.42 -15.85 -13.14
CA LYS A 564 -12.72 -16.49 -13.12
C LYS A 564 -13.67 -15.79 -14.08
N ILE A 565 -14.47 -16.57 -14.80
CA ILE A 565 -15.45 -16.05 -15.73
C ILE A 565 -16.75 -15.80 -14.99
N LYS A 566 -17.34 -14.62 -15.20
CA LYS A 566 -18.63 -14.31 -14.60
C LYS A 566 -19.74 -14.98 -15.40
N LEU A 567 -20.66 -15.62 -14.69
CA LEU A 567 -21.76 -16.35 -15.30
C LEU A 567 -23.04 -15.53 -15.22
N ASN A 568 -23.83 -15.56 -16.30
CA ASN A 568 -25.06 -14.79 -16.38
C ASN A 568 -26.30 -15.65 -16.58
N PHE A 569 -26.16 -16.86 -17.11
CA PHE A 569 -27.29 -17.77 -17.35
C PHE A 569 -28.36 -17.11 -18.21
N GLU A 570 -27.92 -16.37 -19.23
CA GLU A 570 -28.76 -15.72 -20.23
C GLU A 570 -29.59 -14.57 -19.68
N ASN A 571 -29.34 -14.16 -18.44
CA ASN A 571 -30.12 -13.10 -17.79
C ASN A 571 -29.25 -11.87 -17.63
N SER A 572 -29.72 -10.73 -18.17
CA SER A 572 -29.00 -9.47 -17.98
C SER A 572 -28.98 -9.07 -16.50
N THR A 573 -30.10 -9.22 -15.82
CA THR A 573 -30.22 -8.93 -14.39
C THR A 573 -30.36 -10.26 -13.66
N LEU A 574 -29.24 -10.81 -13.22
CA LEU A 574 -29.20 -12.06 -12.47
C LEU A 574 -28.75 -11.77 -11.06
N LEU A 575 -29.48 -12.33 -10.08
CA LEU A 575 -29.19 -12.19 -8.66
C LEU A 575 -29.28 -10.75 -8.18
N ASP A 576 -29.82 -9.84 -9.01
CA ASP A 576 -29.89 -8.43 -8.63
C ASP A 576 -30.79 -8.19 -7.43
N GLY A 577 -31.66 -9.15 -7.10
CA GLY A 577 -32.51 -9.05 -5.94
C GLY A 577 -33.16 -10.37 -5.62
N TRP A 578 -33.53 -10.60 -4.36
CA TRP A 578 -34.15 -11.84 -3.95
C TRP A 578 -35.65 -11.71 -3.70
N ASP A 579 -36.22 -10.53 -3.95
CA ASP A 579 -37.62 -10.29 -3.62
C ASP A 579 -38.52 -11.25 -4.38
N VAL A 580 -39.62 -11.65 -3.71
CA VAL A 580 -40.54 -12.62 -4.29
C VAL A 580 -41.12 -12.08 -5.60
N ASN A 581 -41.53 -10.81 -5.61
CA ASN A 581 -42.06 -10.22 -6.84
C ASN A 581 -41.00 -10.18 -7.93
N LYS A 582 -39.78 -9.78 -7.58
CA LYS A 582 -38.69 -9.73 -8.55
C LYS A 582 -37.85 -11.01 -8.49
N GLU A 583 -38.50 -12.12 -8.84
CA GLU A 583 -37.81 -13.41 -8.94
C GLU A 583 -38.05 -14.13 -10.26
N THR A 584 -39.08 -13.76 -11.02
CA THR A 584 -39.19 -14.17 -12.41
C THR A 584 -38.32 -13.33 -13.33
N ASP A 585 -37.81 -12.20 -12.84
CA ASP A 585 -36.91 -11.34 -13.60
C ASP A 585 -35.45 -11.65 -13.27
N ASN A 586 -35.13 -11.81 -11.99
CA ASN A 586 -33.78 -12.16 -11.59
C ASN A 586 -33.51 -13.66 -11.66
N THR A 587 -34.55 -14.48 -11.71
CA THR A 587 -34.46 -15.93 -11.89
C THR A 587 -33.42 -16.54 -10.94
N SER A 588 -33.66 -16.41 -9.64
CA SER A 588 -32.78 -16.98 -8.65
C SER A 588 -33.50 -17.09 -7.32
N VAL A 589 -33.39 -18.26 -6.68
CA VAL A 589 -34.03 -18.52 -5.40
C VAL A 589 -33.02 -19.24 -4.49
N LEU A 590 -33.33 -19.24 -3.20
CA LEU A 590 -32.59 -20.03 -2.21
C LEU A 590 -33.46 -21.15 -1.67
N LEU A 591 -32.84 -22.29 -1.45
CA LEU A 591 -33.50 -23.46 -0.87
C LEU A 591 -32.68 -23.97 0.30
N ARG A 592 -33.34 -24.62 1.25
CA ARG A 592 -32.69 -25.12 2.44
C ARG A 592 -33.27 -26.48 2.79
N LYS A 593 -32.39 -27.41 3.15
CA LYS A 593 -32.83 -28.76 3.51
C LYS A 593 -31.75 -29.41 4.35
N ASP A 594 -32.11 -29.85 5.57
CA ASP A 594 -31.20 -30.56 6.47
C ASP A 594 -29.97 -29.71 6.82
N GLY A 595 -30.14 -28.39 6.86
CA GLY A 595 -29.05 -27.50 7.21
C GLY A 595 -28.12 -27.16 6.06
N LEU A 596 -28.40 -27.64 4.85
CA LEU A 596 -27.61 -27.32 3.67
C LEU A 596 -28.36 -26.29 2.83
N TYR A 597 -27.65 -25.26 2.40
CA TYR A 597 -28.26 -24.16 1.66
C TYR A 597 -27.94 -24.31 0.17
N TYR A 598 -28.99 -24.33 -0.64
CA TYR A 598 -28.86 -24.47 -2.08
C TYR A 598 -29.16 -23.14 -2.76
N LEU A 599 -28.79 -23.06 -4.04
CA LEU A 599 -29.06 -21.90 -4.87
C LEU A 599 -29.59 -22.38 -6.21
N GLY A 600 -30.83 -22.03 -6.53
CA GLY A 600 -31.44 -22.40 -7.79
C GLY A 600 -31.49 -21.21 -8.72
N ILE A 601 -30.96 -21.41 -9.92
CA ILE A 601 -30.95 -20.39 -10.97
C ILE A 601 -31.75 -20.97 -12.12
N MET A 602 -33.04 -20.65 -12.17
CA MET A 602 -33.94 -21.24 -13.13
C MET A 602 -33.63 -20.76 -14.55
N ASN A 603 -33.86 -21.64 -15.52
CA ASN A 603 -33.62 -21.30 -16.92
C ASN A 603 -34.56 -20.18 -17.35
N LYS A 604 -34.03 -19.24 -18.12
CA LYS A 604 -34.81 -18.06 -18.52
C LYS A 604 -36.01 -18.44 -19.38
N LYS A 605 -35.98 -19.58 -20.06
CA LYS A 605 -37.14 -20.01 -20.83
C LYS A 605 -38.31 -20.36 -19.92
N HIS A 606 -38.04 -21.08 -18.83
CA HIS A 606 -39.05 -21.41 -17.83
C HIS A 606 -38.70 -20.65 -16.55
N ASN A 607 -39.18 -19.41 -16.46
CA ASN A 607 -38.93 -18.57 -15.30
C ASN A 607 -40.13 -18.47 -14.37
N LYS A 608 -41.22 -19.16 -14.67
CA LYS A 608 -42.43 -19.14 -13.85
C LYS A 608 -42.66 -20.46 -13.13
N VAL A 609 -41.63 -21.30 -13.02
CA VAL A 609 -41.80 -22.61 -12.40
C VAL A 609 -42.15 -22.47 -10.93
N PHE A 610 -41.58 -21.47 -10.25
CA PHE A 610 -41.86 -21.25 -8.84
C PHE A 610 -43.07 -20.37 -8.60
N GLU A 611 -43.68 -19.82 -9.65
CA GLU A 611 -44.86 -18.98 -9.47
C GLU A 611 -46.03 -19.76 -8.91
N ASN A 612 -46.26 -20.96 -9.42
CA ASN A 612 -47.39 -21.80 -9.01
C ASN A 612 -46.84 -23.12 -8.47
N ILE A 613 -46.68 -23.19 -7.16
CA ILE A 613 -46.27 -24.43 -6.49
C ILE A 613 -47.47 -25.37 -6.41
N PRO A 614 -47.37 -26.58 -6.95
CA PRO A 614 -48.55 -27.47 -6.96
C PRO A 614 -49.11 -27.79 -5.59
N GLU A 615 -48.25 -27.99 -4.58
CA GLU A 615 -48.71 -28.37 -3.26
C GLU A 615 -47.58 -28.15 -2.26
N SER A 616 -47.95 -28.15 -0.98
CA SER A 616 -47.01 -27.93 0.12
C SER A 616 -47.26 -28.92 1.25
N ASN A 617 -47.63 -30.14 0.90
CA ASN A 617 -47.91 -31.16 1.92
C ASN A 617 -46.64 -31.47 2.71
N GLU A 618 -46.81 -31.71 4.01
CA GLU A 618 -45.68 -31.93 4.91
C GLU A 618 -45.26 -33.39 5.00
N ASN A 619 -46.11 -34.33 4.56
CA ASN A 619 -45.75 -35.73 4.66
C ASN A 619 -44.51 -36.06 3.82
N ASP A 620 -44.44 -35.54 2.60
CA ASP A 620 -43.28 -35.74 1.76
C ASP A 620 -42.13 -34.86 2.23
N LYS A 621 -40.91 -35.30 1.92
CA LYS A 621 -39.72 -34.50 2.22
C LYS A 621 -39.76 -33.21 1.41
N CYS A 622 -39.46 -32.09 2.08
CA CYS A 622 -39.67 -30.78 1.50
C CYS A 622 -38.42 -29.92 1.62
N TYR A 623 -38.18 -29.11 0.60
CA TYR A 623 -37.20 -28.03 0.68
C TYR A 623 -37.78 -26.87 1.48
N GLU A 624 -37.04 -25.77 1.55
CA GLU A 624 -37.51 -24.54 2.20
C GLU A 624 -37.14 -23.36 1.32
N LYS A 625 -38.05 -22.98 0.43
CA LYS A 625 -37.83 -21.82 -0.42
C LYS A 625 -37.95 -20.55 0.39
N MET A 626 -37.01 -19.62 0.20
CA MET A 626 -36.99 -18.39 0.96
C MET A 626 -37.94 -17.37 0.35
N ASP A 627 -38.78 -16.76 1.19
CA ASP A 627 -39.70 -15.71 0.76
C ASP A 627 -39.12 -14.38 1.19
N TYR A 628 -38.27 -13.82 0.33
CA TYR A 628 -37.55 -12.59 0.62
C TYR A 628 -38.40 -11.39 0.24
N LYS A 629 -38.58 -10.47 1.18
CA LYS A 629 -39.31 -9.23 0.94
C LYS A 629 -38.46 -8.06 1.41
N LEU A 630 -38.48 -6.97 0.66
CA LEU A 630 -37.63 -5.83 0.97
C LEU A 630 -38.22 -4.56 0.38
N LEU A 631 -38.04 -3.44 1.09
CA LEU A 631 -38.34 -2.11 0.59
C LEU A 631 -37.02 -1.35 0.55
N PRO A 632 -36.37 -1.28 -0.62
CA PRO A 632 -34.94 -0.90 -0.65
C PRO A 632 -34.64 0.49 -0.12
N GLY A 633 -35.30 1.51 -0.68
CA GLY A 633 -35.10 2.86 -0.20
C GLY A 633 -36.42 3.59 -0.02
N ALA A 634 -36.73 4.01 1.20
CA ALA A 634 -38.00 4.66 1.46
C ALA A 634 -38.12 5.96 0.68
N ASN A 635 -37.07 6.78 0.70
CA ASN A 635 -37.12 8.11 0.10
C ASN A 635 -37.38 8.03 -1.40
N LYS A 636 -37.00 6.93 -2.04
CA LYS A 636 -37.24 6.74 -3.47
C LYS A 636 -38.46 5.88 -3.75
N MET A 637 -38.67 4.82 -2.96
CA MET A 637 -39.78 3.91 -3.25
C MET A 637 -41.12 4.53 -2.91
N LEU A 638 -41.22 5.20 -1.76
CA LEU A 638 -42.53 5.74 -1.36
C LEU A 638 -43.07 6.79 -2.33
N PRO A 639 -42.34 7.85 -2.68
CA PRO A 639 -42.88 8.79 -3.67
C PRO A 639 -43.11 8.18 -5.02
N LYS A 640 -42.27 7.22 -5.43
CA LYS A 640 -42.43 6.59 -6.73
C LYS A 640 -43.76 5.84 -6.82
N VAL A 641 -44.05 5.02 -5.80
CA VAL A 641 -45.28 4.24 -5.81
C VAL A 641 -46.49 5.14 -5.59
N PHE A 642 -46.38 6.12 -4.69
CA PHE A 642 -47.55 6.91 -4.30
C PHE A 642 -47.82 8.07 -5.24
N PHE A 643 -46.88 8.46 -6.10
CA PHE A 643 -47.04 9.61 -6.97
C PHE A 643 -46.76 9.22 -8.42
N SER A 644 -47.32 8.09 -8.85
CA SER A 644 -47.18 7.60 -10.21
C SER A 644 -48.54 7.58 -10.89
N ASN A 645 -48.54 7.82 -12.20
CA ASN A 645 -49.79 7.86 -12.95
C ASN A 645 -50.55 6.55 -12.85
N LYS A 646 -49.85 5.44 -12.63
CA LYS A 646 -50.52 4.16 -12.49
C LYS A 646 -51.22 4.02 -11.14
N ASN A 647 -50.69 4.66 -10.10
CA ASN A 647 -51.18 4.48 -8.75
C ASN A 647 -51.72 5.74 -8.08
N ILE A 648 -51.55 6.92 -8.68
CA ILE A 648 -51.97 8.14 -8.02
C ILE A 648 -53.47 8.17 -7.80
N ASP A 649 -54.24 7.50 -8.66
CA ASP A 649 -55.69 7.43 -8.46
C ASP A 649 -56.04 6.61 -7.22
N TYR A 650 -55.34 5.49 -7.02
CA TYR A 650 -55.66 4.61 -5.89
C TYR A 650 -55.44 5.31 -4.56
N PHE A 651 -54.26 5.89 -4.36
CA PHE A 651 -53.96 6.53 -3.08
C PHE A 651 -54.63 7.89 -2.96
N ASN A 652 -54.85 8.58 -4.08
CA ASN A 652 -55.55 9.85 -4.14
C ASN A 652 -54.96 10.88 -3.17
N PRO A 653 -53.73 11.34 -3.41
CA PRO A 653 -53.17 12.40 -2.55
C PRO A 653 -53.98 13.68 -2.67
N SER A 654 -54.13 14.38 -1.56
CA SER A 654 -54.87 15.63 -1.54
C SER A 654 -54.07 16.74 -2.22
N ALA A 655 -54.78 17.80 -2.60
CA ALA A 655 -54.11 18.94 -3.23
C ALA A 655 -53.09 19.57 -2.30
N GLU A 656 -53.41 19.64 -1.00
CA GLU A 656 -52.46 20.19 -0.04
C GLU A 656 -51.19 19.34 0.04
N ILE A 657 -51.35 18.01 0.04
CA ILE A 657 -50.18 17.13 0.11
C ILE A 657 -49.36 17.24 -1.16
N LEU A 658 -50.02 17.31 -2.32
CA LEU A 658 -49.28 17.48 -3.57
C LEU A 658 -48.51 18.79 -3.58
N GLU A 659 -49.12 19.88 -3.11
CA GLU A 659 -48.41 21.15 -3.04
C GLU A 659 -47.24 21.08 -2.07
N ILE A 660 -47.43 20.41 -0.93
CA ILE A 660 -46.35 20.25 0.04
C ILE A 660 -45.18 19.52 -0.58
N TYR A 661 -45.45 18.42 -1.28
CA TYR A 661 -44.37 17.68 -1.92
C TYR A 661 -43.71 18.49 -3.03
N GLU A 662 -44.50 19.19 -3.83
CA GLU A 662 -43.95 19.94 -4.96
C GLU A 662 -43.04 21.07 -4.49
N ASN A 663 -43.45 21.80 -3.45
CA ASN A 663 -42.67 22.93 -2.97
C ASN A 663 -41.49 22.53 -2.09
N GLY A 664 -41.34 21.23 -1.78
CA GLY A 664 -40.22 20.79 -0.98
C GLY A 664 -40.26 21.23 0.46
N THR A 665 -41.45 21.50 0.99
CA THR A 665 -41.56 21.96 2.38
C THR A 665 -41.10 20.89 3.36
N HIS A 666 -41.40 19.62 3.07
CA HIS A 666 -41.00 18.53 3.97
C HIS A 666 -39.49 18.43 4.10
N LYS A 667 -38.77 18.62 2.99
CA LYS A 667 -37.31 18.54 3.02
C LYS A 667 -36.72 19.66 3.87
N LYS A 668 -35.62 19.34 4.55
CA LYS A 668 -34.94 20.31 5.39
C LYS A 668 -33.91 21.13 4.63
N SER A 669 -33.35 20.58 3.55
CA SER A 669 -32.39 21.34 2.75
C SER A 669 -33.02 22.59 2.15
N GLY A 670 -34.30 22.53 1.81
CA GLY A 670 -34.98 23.70 1.27
C GLY A 670 -35.24 24.75 2.34
N ASP A 671 -35.35 25.99 1.89
CA ASP A 671 -35.61 27.10 2.79
C ASP A 671 -37.04 27.13 3.32
N ASN A 672 -37.93 26.30 2.77
CA ASN A 672 -39.33 26.29 3.17
C ASN A 672 -39.66 25.14 4.13
N PHE A 673 -38.71 24.77 4.99
CA PHE A 673 -38.96 23.69 5.94
C PHE A 673 -40.11 24.03 6.87
N ASN A 674 -40.98 23.05 7.09
CA ASN A 674 -42.16 23.24 7.94
C ASN A 674 -42.48 21.92 8.61
N LEU A 675 -42.42 21.89 9.94
CA LEU A 675 -42.67 20.65 10.66
C LEU A 675 -44.09 20.14 10.43
N ASP A 676 -45.06 21.06 10.33
CA ASP A 676 -46.44 20.63 10.10
C ASP A 676 -46.59 19.97 8.74
N ASP A 677 -45.96 20.53 7.70
CA ASP A 677 -46.02 19.92 6.38
C ASP A 677 -45.36 18.55 6.37
N CYS A 678 -44.21 18.43 7.03
CA CYS A 678 -43.52 17.15 7.10
C CYS A 678 -44.36 16.10 7.82
N HIS A 679 -45.02 16.50 8.91
CA HIS A 679 -45.88 15.57 9.64
C HIS A 679 -47.09 15.18 8.81
N LYS A 680 -47.66 16.12 8.07
CA LYS A 680 -48.79 15.78 7.19
C LYS A 680 -48.37 14.80 6.10
N LEU A 681 -47.21 15.03 5.49
CA LEU A 681 -46.70 14.09 4.50
C LEU A 681 -46.43 12.72 5.10
N ILE A 682 -45.90 12.69 6.34
CA ILE A 682 -45.66 11.42 7.01
C ILE A 682 -46.98 10.69 7.25
N ASP A 683 -48.02 11.40 7.67
CA ASP A 683 -49.32 10.77 7.88
C ASP A 683 -49.88 10.24 6.56
N PHE A 684 -49.74 11.01 5.49
CA PHE A 684 -50.19 10.53 4.17
C PHE A 684 -49.43 9.27 3.77
N PHE A 685 -48.12 9.25 4.00
CA PHE A 685 -47.33 8.06 3.68
C PHE A 685 -47.77 6.86 4.51
N LYS A 686 -48.06 7.06 5.79
CA LYS A 686 -48.56 5.97 6.63
C LYS A 686 -49.87 5.43 6.08
N GLU A 687 -50.79 6.32 5.72
CA GLU A 687 -52.08 5.89 5.18
C GLU A 687 -51.89 5.12 3.87
N SER A 688 -51.02 5.61 2.99
CA SER A 688 -50.77 4.93 1.72
C SER A 688 -50.14 3.57 1.93
N ILE A 689 -49.20 3.47 2.88
CA ILE A 689 -48.61 2.17 3.21
C ILE A 689 -49.67 1.21 3.72
N ASN A 690 -50.59 1.71 4.56
CA ASN A 690 -51.69 0.89 5.03
C ASN A 690 -52.58 0.45 3.87
N LYS A 691 -52.71 1.29 2.85
CA LYS A 691 -53.51 0.92 1.69
C LYS A 691 -52.81 -0.11 0.83
N HIS A 692 -51.49 0.04 0.63
CA HIS A 692 -50.74 -0.86 -0.25
C HIS A 692 -50.79 -2.28 0.29
N GLU A 693 -51.12 -3.24 -0.59
CA GLU A 693 -51.34 -4.61 -0.13
C GLU A 693 -50.03 -5.34 0.14
N ASP A 694 -49.00 -5.10 -0.66
CA ASP A 694 -47.73 -5.78 -0.47
C ASP A 694 -46.89 -5.18 0.65
N TRP A 695 -47.22 -3.97 1.09
CA TRP A 695 -46.44 -3.30 2.11
C TRP A 695 -47.07 -3.37 3.50
N LYS A 696 -48.39 -3.50 3.58
CA LYS A 696 -49.04 -3.66 4.88
C LYS A 696 -48.77 -5.03 5.50
N LYS A 697 -48.24 -5.98 4.73
CA LYS A 697 -47.88 -7.28 5.25
C LYS A 697 -46.58 -7.26 6.04
N PHE A 698 -45.81 -6.18 5.94
CA PHE A 698 -44.55 -6.06 6.69
C PHE A 698 -44.77 -5.93 8.19
N GLY A 699 -46.01 -5.70 8.64
CA GLY A 699 -46.26 -5.49 10.04
C GLY A 699 -45.61 -4.25 10.58
N PHE A 700 -45.76 -3.15 9.84
CA PHE A 700 -45.12 -1.89 10.22
C PHE A 700 -45.62 -1.41 11.57
N LYS A 701 -44.70 -0.87 12.37
CA LYS A 701 -45.02 -0.32 13.69
C LYS A 701 -44.19 0.93 13.86
N PHE A 702 -44.78 2.09 13.56
CA PHE A 702 -44.09 3.36 13.57
C PHE A 702 -44.27 4.08 14.90
N SER A 703 -43.33 4.98 15.18
CA SER A 703 -43.47 5.89 16.30
C SER A 703 -44.58 6.90 16.00
N PRO A 704 -45.15 7.53 17.04
CA PRO A 704 -46.17 8.55 16.79
C PRO A 704 -45.62 9.66 15.90
N THR A 705 -46.46 10.12 14.97
CA THR A 705 -46.01 11.09 13.97
C THR A 705 -45.56 12.40 14.59
N SER A 706 -46.08 12.73 15.77
CA SER A 706 -45.69 13.98 16.43
C SER A 706 -44.26 13.96 16.95
N SER A 707 -43.63 12.78 17.04
CA SER A 707 -42.27 12.66 17.54
C SER A 707 -41.22 12.69 16.45
N TYR A 708 -41.62 12.79 15.19
CA TYR A 708 -40.66 12.81 14.08
C TYR A 708 -40.06 14.20 13.92
N GLU A 709 -38.74 14.27 13.97
CA GLU A 709 -38.07 15.55 13.78
C GLU A 709 -38.04 15.97 12.31
N ASP A 710 -37.99 15.01 11.40
CA ASP A 710 -37.99 15.29 9.97
C ASP A 710 -38.44 14.04 9.23
N ILE A 711 -38.41 14.10 7.90
CA ILE A 711 -38.74 12.95 7.08
C ILE A 711 -37.69 11.85 7.18
N SER A 712 -36.47 12.21 7.60
CA SER A 712 -35.40 11.22 7.68
C SER A 712 -35.72 10.14 8.70
N GLY A 713 -36.32 10.51 9.83
CA GLY A 713 -36.70 9.51 10.82
C GLY A 713 -37.72 8.52 10.29
N PHE A 714 -38.75 9.02 9.61
CA PHE A 714 -39.75 8.13 9.02
C PHE A 714 -39.12 7.23 7.96
N TYR A 715 -38.23 7.77 7.14
CA TYR A 715 -37.58 6.95 6.13
C TYR A 715 -36.70 5.88 6.77
N ARG A 716 -35.98 6.22 7.83
CA ARG A 716 -35.19 5.23 8.55
C ARG A 716 -36.07 4.13 9.12
N GLU A 717 -37.20 4.50 9.74
CA GLU A 717 -38.09 3.49 10.30
C GLU A 717 -38.65 2.58 9.21
N VAL A 718 -39.05 3.15 8.08
CA VAL A 718 -39.58 2.34 6.99
C VAL A 718 -38.52 1.39 6.45
N GLU A 719 -37.29 1.89 6.28
CA GLU A 719 -36.22 1.04 5.77
C GLU A 719 -35.89 -0.09 6.76
N GLN A 720 -35.83 0.22 8.05
CA GLN A 720 -35.48 -0.79 9.04
C GLN A 720 -36.57 -1.85 9.16
N GLN A 721 -37.84 -1.43 9.21
CA GLN A 721 -38.93 -2.38 9.35
C GLN A 721 -39.37 -3.00 8.03
N GLY A 722 -38.86 -2.50 6.91
CA GLY A 722 -39.25 -3.04 5.61
C GLY A 722 -38.34 -4.14 5.13
N TYR A 723 -38.20 -5.20 5.92
CA TYR A 723 -37.36 -6.34 5.54
C TYR A 723 -37.78 -7.54 6.37
N LYS A 724 -38.29 -8.58 5.71
CA LYS A 724 -38.67 -9.80 6.38
C LYS A 724 -38.30 -11.00 5.50
N ILE A 725 -37.98 -12.11 6.14
CA ILE A 725 -37.66 -13.36 5.45
C ILE A 725 -38.52 -14.46 6.02
N SER A 726 -39.17 -15.22 5.15
CA SER A 726 -39.95 -16.39 5.52
C SER A 726 -39.56 -17.54 4.62
N PHE A 727 -39.73 -18.77 5.12
CA PHE A 727 -39.35 -19.97 4.37
C PHE A 727 -40.61 -20.79 4.09
N LYS A 728 -40.89 -21.02 2.82
CA LYS A 728 -42.05 -21.79 2.39
C LYS A 728 -41.62 -23.20 2.01
N ASN A 729 -42.49 -24.17 2.30
CA ASN A 729 -42.19 -25.57 2.06
C ASN A 729 -42.68 -26.00 0.69
N ILE A 730 -41.77 -26.58 -0.11
CA ILE A 730 -42.11 -27.13 -1.42
C ILE A 730 -41.57 -28.54 -1.49
N SER A 731 -42.28 -29.40 -2.22
CA SER A 731 -41.93 -30.81 -2.27
C SER A 731 -40.56 -31.01 -2.91
N GLU A 732 -39.83 -32.01 -2.41
CA GLU A 732 -38.54 -32.35 -2.99
C GLU A 732 -38.69 -32.96 -4.38
N SER A 733 -39.79 -33.69 -4.61
CA SER A 733 -40.01 -34.31 -5.92
C SER A 733 -40.15 -33.26 -7.00
N TYR A 734 -40.84 -32.15 -6.69
CA TYR A 734 -40.97 -31.07 -7.66
C TYR A 734 -39.62 -30.48 -8.03
N ILE A 735 -38.77 -30.25 -7.04
CA ILE A 735 -37.43 -29.70 -7.31
C ILE A 735 -36.60 -30.69 -8.12
N ASP A 736 -36.70 -31.98 -7.79
CA ASP A 736 -35.96 -32.99 -8.54
C ASP A 736 -36.42 -33.05 -10.00
N GLU A 737 -37.73 -32.98 -10.22
CA GLU A 737 -38.25 -32.96 -11.59
C GLU A 737 -37.76 -31.72 -12.34
N LEU A 738 -37.79 -30.56 -11.68
CA LEU A 738 -37.33 -29.33 -12.32
C LEU A 738 -35.86 -29.44 -12.70
N VAL A 739 -35.03 -29.98 -11.81
CA VAL A 739 -33.60 -30.12 -12.11
C VAL A 739 -33.39 -31.12 -13.25
N ASP A 740 -34.09 -32.25 -13.21
CA ASP A 740 -33.91 -33.27 -14.24
C ASP A 740 -34.33 -32.76 -15.61
N GLU A 741 -35.46 -32.05 -15.69
CA GLU A 741 -35.95 -31.55 -16.97
C GLU A 741 -35.13 -30.37 -17.48
N GLY A 742 -34.20 -29.84 -16.70
CA GLY A 742 -33.38 -28.74 -17.13
C GLY A 742 -33.99 -27.37 -16.95
N LYS A 743 -35.14 -27.27 -16.29
CA LYS A 743 -35.76 -25.98 -16.06
C LYS A 743 -35.07 -25.20 -14.95
N LEU A 744 -34.43 -25.89 -14.01
CA LEU A 744 -33.77 -25.26 -12.88
C LEU A 744 -32.33 -25.77 -12.78
N TYR A 745 -31.42 -24.86 -12.48
CA TYR A 745 -30.01 -25.20 -12.26
C TYR A 745 -29.75 -25.10 -10.76
N LEU A 746 -29.68 -26.26 -10.10
CA LEU A 746 -29.58 -26.31 -8.65
C LEU A 746 -28.11 -26.52 -8.26
N PHE A 747 -27.57 -25.55 -7.53
CA PHE A 747 -26.25 -25.66 -6.93
C PHE A 747 -26.40 -25.79 -5.42
N GLN A 748 -25.28 -26.00 -4.74
CA GLN A 748 -25.25 -26.05 -3.28
C GLN A 748 -24.24 -25.04 -2.79
N ILE A 749 -24.69 -24.08 -1.98
CA ILE A 749 -23.81 -23.10 -1.37
C ILE A 749 -22.94 -23.84 -0.35
N TYR A 750 -21.65 -23.99 -0.66
CA TYR A 750 -20.80 -24.93 0.06
C TYR A 750 -19.64 -24.22 0.73
N ASN A 751 -19.25 -24.77 1.87
CA ASN A 751 -18.08 -24.36 2.62
C ASN A 751 -17.61 -25.59 3.40
N LYS A 752 -16.32 -25.61 3.73
CA LYS A 752 -15.81 -26.80 4.42
C LYS A 752 -16.46 -26.99 5.79
N ASP A 753 -17.13 -25.97 6.31
CA ASP A 753 -17.92 -26.12 7.53
C ASP A 753 -19.29 -26.74 7.26
N PHE A 754 -19.71 -26.84 5.99
CA PHE A 754 -20.96 -27.48 5.64
C PHE A 754 -20.79 -28.97 5.35
N SER A 755 -19.57 -29.49 5.46
CA SER A 755 -19.32 -30.90 5.23
C SER A 755 -19.79 -31.74 6.42
N PRO A 756 -20.22 -32.98 6.17
CA PRO A 756 -20.61 -33.84 7.29
C PRO A 756 -19.47 -34.16 8.24
N TYR A 757 -18.22 -34.06 7.79
CA TYR A 757 -17.07 -34.40 8.61
C TYR A 757 -16.55 -33.23 9.42
N SER A 758 -17.07 -32.02 9.21
CA SER A 758 -16.62 -30.86 9.96
C SER A 758 -17.15 -30.92 11.39
N LYS A 759 -16.25 -30.74 12.36
CA LYS A 759 -16.61 -30.85 13.76
C LYS A 759 -16.15 -29.68 14.63
N GLY A 760 -15.16 -28.91 14.20
CA GLY A 760 -14.62 -27.83 15.01
C GLY A 760 -15.44 -26.55 14.86
N LYS A 761 -14.84 -25.46 15.31
CA LYS A 761 -15.51 -24.16 15.23
C LYS A 761 -15.62 -23.74 13.77
N PRO A 762 -16.82 -23.40 13.30
CA PRO A 762 -16.98 -23.01 11.90
C PRO A 762 -16.35 -21.65 11.62
N ASN A 763 -16.07 -21.41 10.34
CA ASN A 763 -15.50 -20.13 9.94
C ASN A 763 -16.47 -19.01 10.28
N LEU A 764 -15.92 -17.80 10.42
CA LEU A 764 -16.72 -16.67 10.85
C LEU A 764 -17.77 -16.31 9.79
N HIS A 765 -17.40 -16.38 8.52
CA HIS A 765 -18.37 -16.11 7.45
C HIS A 765 -19.46 -17.18 7.40
N THR A 766 -19.13 -18.41 7.75
CA THR A 766 -20.15 -19.45 7.88
C THR A 766 -21.14 -19.09 8.98
N LEU A 767 -20.64 -18.57 10.10
CA LEU A 767 -21.53 -18.12 11.17
C LEU A 767 -22.42 -16.98 10.71
N TYR A 768 -21.87 -16.02 9.96
CA TYR A 768 -22.68 -14.94 9.43
C TYR A 768 -23.76 -15.47 8.50
N TRP A 769 -23.40 -16.39 7.61
CA TRP A 769 -24.37 -16.93 6.67
C TRP A 769 -25.48 -17.68 7.39
N LYS A 770 -25.13 -18.51 8.38
CA LYS A 770 -26.15 -19.25 9.09
C LYS A 770 -26.99 -18.35 10.00
N ALA A 771 -26.44 -17.22 10.43
CA ALA A 771 -27.21 -16.26 11.21
C ALA A 771 -28.10 -15.39 10.35
N LEU A 772 -27.82 -15.30 9.05
CA LEU A 772 -28.71 -14.57 8.15
C LEU A 772 -30.15 -15.05 8.25
N PHE A 773 -30.34 -16.35 8.44
CA PHE A 773 -31.67 -16.97 8.46
C PHE A 773 -32.02 -17.53 9.83
N ASP A 774 -31.29 -17.13 10.88
CA ASP A 774 -31.59 -17.60 12.22
C ASP A 774 -32.92 -17.03 12.70
N GLU A 775 -33.63 -17.82 13.51
CA GLU A 775 -34.88 -17.35 14.07
C GLU A 775 -34.66 -16.15 15.00
N GLU A 776 -33.63 -16.23 15.85
CA GLU A 776 -33.31 -15.10 16.72
C GLU A 776 -32.96 -13.87 15.91
N ASN A 777 -32.14 -14.03 14.88
CA ASN A 777 -31.78 -12.89 14.04
C ASN A 777 -32.99 -12.35 13.29
N LEU A 778 -33.85 -13.23 12.77
CA LEU A 778 -35.02 -12.77 12.04
C LEU A 778 -36.05 -12.12 12.97
N LYS A 779 -35.99 -12.40 14.26
CA LYS A 779 -36.86 -11.69 15.21
C LYS A 779 -36.48 -10.21 15.29
N ASP A 780 -35.19 -9.90 15.30
CA ASP A 780 -34.69 -8.53 15.32
C ASP A 780 -33.44 -8.51 14.45
N VAL A 781 -33.58 -8.02 13.22
CA VAL A 781 -32.56 -8.22 12.20
C VAL A 781 -31.24 -7.59 12.62
N VAL A 782 -30.17 -8.37 12.55
CA VAL A 782 -28.81 -7.88 12.76
C VAL A 782 -28.03 -8.14 11.49
N TYR A 783 -28.44 -9.16 10.73
CA TYR A 783 -27.81 -9.52 9.46
C TYR A 783 -28.85 -9.44 8.36
N LYS A 784 -28.53 -8.74 7.28
CA LYS A 784 -29.44 -8.55 6.17
C LYS A 784 -28.83 -9.18 4.91
N LEU A 785 -29.67 -9.88 4.14
CA LEU A 785 -29.25 -10.51 2.90
C LEU A 785 -29.39 -9.48 1.78
N ASN A 786 -28.27 -8.94 1.33
CA ASN A 786 -28.29 -7.93 0.29
C ASN A 786 -28.37 -8.57 -1.09
N GLY A 787 -28.99 -7.85 -2.02
CA GLY A 787 -29.11 -8.31 -3.38
C GLY A 787 -27.85 -8.02 -4.19
N GLU A 788 -27.97 -8.25 -5.50
CA GLU A 788 -26.87 -8.06 -6.45
C GLU A 788 -25.69 -8.97 -6.12
N ALA A 789 -25.98 -10.26 -5.99
CA ALA A 789 -24.94 -11.27 -5.83
C ALA A 789 -24.34 -11.61 -7.20
N GLU A 790 -23.31 -12.44 -7.20
CA GLU A 790 -22.64 -12.82 -8.43
C GLU A 790 -22.21 -14.28 -8.38
N VAL A 791 -22.29 -14.95 -9.52
CA VAL A 791 -21.86 -16.34 -9.67
C VAL A 791 -20.72 -16.36 -10.68
N PHE A 792 -19.58 -16.92 -10.29
CA PHE A 792 -18.40 -16.99 -11.13
C PHE A 792 -18.07 -18.44 -11.46
N TYR A 793 -17.25 -18.62 -12.49
CA TYR A 793 -16.78 -19.93 -12.90
C TYR A 793 -15.27 -19.87 -13.07
N ARG A 794 -14.56 -20.72 -12.35
CA ARG A 794 -13.10 -20.75 -12.38
C ARG A 794 -12.65 -22.05 -13.03
N LYS A 795 -11.87 -21.95 -14.10
CA LYS A 795 -11.37 -23.12 -14.79
C LYS A 795 -10.18 -23.72 -14.05
N ALA A 796 -9.89 -24.98 -14.35
CA ALA A 796 -8.74 -25.64 -13.75
C ALA A 796 -7.45 -24.94 -14.17
N SER A 797 -6.56 -24.76 -13.20
CA SER A 797 -5.30 -24.07 -13.44
C SER A 797 -4.07 -24.95 -13.27
N ILE A 798 -4.15 -26.01 -12.48
CA ILE A 798 -3.01 -26.87 -12.17
C ILE A 798 -3.27 -28.22 -12.80
N ASN A 799 -2.46 -28.58 -13.80
CA ASN A 799 -2.64 -29.85 -14.50
C ASN A 799 -2.01 -30.99 -13.73
N GLU A 800 -0.69 -30.93 -13.53
CA GLU A 800 0.00 -31.96 -12.77
C GLU A 800 -0.22 -31.75 -11.28
N THR A 801 -0.48 -32.85 -10.56
CA THR A 801 -0.81 -32.80 -9.15
C THR A 801 0.29 -33.45 -8.33
N ILE A 802 0.53 -32.90 -7.14
CA ILE A 802 1.46 -33.48 -6.18
C ILE A 802 0.61 -34.08 -5.08
N VAL A 803 0.42 -35.40 -5.12
CA VAL A 803 -0.53 -36.10 -4.27
C VAL A 803 0.23 -36.92 -3.24
N HIS A 804 -0.20 -36.82 -1.98
CA HIS A 804 0.31 -37.67 -0.91
C HIS A 804 -0.50 -38.96 -0.89
N LYS A 805 0.12 -40.05 -1.33
CA LYS A 805 -0.60 -41.31 -1.46
C LYS A 805 -1.16 -41.76 -0.12
N ALA A 806 -2.15 -42.66 -0.19
CA ALA A 806 -2.85 -43.11 1.00
C ALA A 806 -2.07 -44.21 1.71
N ASN A 807 -2.28 -44.31 3.02
CA ASN A 807 -1.64 -45.33 3.86
C ASN A 807 -0.12 -45.26 3.76
N GLU A 808 0.41 -44.03 3.74
CA GLU A 808 1.85 -43.80 3.71
C GLU A 808 2.14 -42.65 4.66
N PRO A 809 3.05 -42.84 5.63
CA PRO A 809 3.30 -41.79 6.62
C PRO A 809 3.81 -40.51 5.98
N ILE A 810 3.40 -39.38 6.56
CA ILE A 810 3.78 -38.06 6.09
C ILE A 810 4.51 -37.34 7.23
N LYS A 811 5.66 -36.76 6.90
CA LYS A 811 6.45 -36.07 7.92
C LYS A 811 5.79 -34.75 8.30
N ASN A 812 5.61 -34.55 9.60
CA ASN A 812 5.00 -33.32 10.08
C ASN A 812 5.97 -32.15 9.96
N LYS A 813 5.43 -30.98 9.66
CA LYS A 813 6.23 -29.77 9.48
C LYS A 813 6.36 -28.92 10.73
N ASN A 814 5.76 -29.35 11.84
CA ASN A 814 5.82 -28.58 13.08
C ASN A 814 6.84 -29.22 14.02
N PRO A 815 7.98 -28.59 14.29
CA PRO A 815 8.95 -29.19 15.21
C PRO A 815 8.40 -29.41 16.61
N LEU A 816 7.53 -28.52 17.09
CA LEU A 816 6.96 -28.65 18.42
C LEU A 816 5.86 -29.70 18.50
N ASN A 817 5.43 -30.24 17.38
CA ASN A 817 4.37 -31.25 17.38
C ASN A 817 4.91 -32.57 17.91
N PRO A 818 4.35 -33.13 18.98
CA PRO A 818 4.85 -34.41 19.49
C PRO A 818 4.74 -35.55 18.50
N LYS A 819 3.69 -35.56 17.67
CA LYS A 819 3.50 -36.63 16.70
C LYS A 819 4.40 -36.38 15.50
N LYS A 820 5.35 -37.30 15.27
CA LYS A 820 6.33 -37.11 14.21
C LYS A 820 5.75 -37.37 12.83
N GLN A 821 4.88 -38.36 12.69
CA GLN A 821 4.34 -38.74 11.40
C GLN A 821 2.84 -38.95 11.50
N SER A 822 2.15 -38.75 10.37
CA SER A 822 0.71 -38.95 10.29
C SER A 822 0.39 -39.85 9.11
N THR A 823 -0.60 -40.72 9.30
CA THR A 823 -1.02 -41.67 8.27
C THR A 823 -2.47 -41.40 7.93
N PHE A 824 -2.76 -41.26 6.64
CA PHE A 824 -4.10 -40.98 6.13
C PHE A 824 -4.57 -42.13 5.26
N GLU A 825 -5.83 -42.52 5.43
CA GLU A 825 -6.43 -43.57 4.62
C GLU A 825 -6.99 -43.04 3.30
N TYR A 826 -6.57 -41.85 2.88
CA TYR A 826 -7.02 -41.25 1.64
C TYR A 826 -5.95 -40.31 1.12
N ASP A 827 -6.04 -39.98 -0.16
CA ASP A 827 -5.06 -39.12 -0.78
C ASP A 827 -5.23 -37.67 -0.31
N ILE A 828 -4.13 -36.91 -0.36
CA ILE A 828 -4.14 -35.49 -0.04
C ILE A 828 -3.49 -34.78 -1.22
N ILE A 829 -4.30 -34.33 -2.16
CA ILE A 829 -3.79 -33.68 -3.37
C ILE A 829 -3.47 -32.23 -3.06
N LYS A 830 -2.26 -31.81 -3.43
CA LYS A 830 -1.84 -30.43 -3.20
C LYS A 830 -2.64 -29.48 -4.08
N ASP A 831 -3.16 -28.41 -3.49
CA ASP A 831 -3.95 -27.40 -4.20
C ASP A 831 -5.11 -28.04 -4.95
N ARG A 832 -5.82 -28.92 -4.26
CA ARG A 832 -6.93 -29.64 -4.89
C ARG A 832 -8.00 -28.70 -5.41
N ARG A 833 -8.17 -27.54 -4.78
CA ARG A 833 -9.18 -26.58 -5.21
C ARG A 833 -8.86 -25.96 -6.57
N TYR A 834 -7.64 -26.11 -7.08
CA TYR A 834 -7.23 -25.51 -8.34
C TYR A 834 -7.04 -26.53 -9.45
N THR A 835 -7.14 -27.82 -9.17
CA THR A 835 -6.98 -28.84 -10.20
C THR A 835 -8.29 -29.18 -10.90
N VAL A 836 -9.42 -28.65 -10.44
CA VAL A 836 -10.73 -28.92 -11.02
C VAL A 836 -11.48 -27.60 -11.17
N ASP A 837 -12.50 -27.62 -12.03
CA ASP A 837 -13.30 -26.43 -12.26
C ASP A 837 -14.24 -26.19 -11.09
N LYS A 838 -14.22 -24.96 -10.57
CA LYS A 838 -14.99 -24.61 -9.37
C LYS A 838 -15.86 -23.40 -9.66
N PHE A 839 -17.14 -23.49 -9.29
CA PHE A 839 -18.00 -22.33 -9.34
C PHE A 839 -17.75 -21.45 -8.12
N GLN A 840 -18.28 -20.23 -8.18
CA GLN A 840 -18.11 -19.27 -7.08
C GLN A 840 -19.41 -18.54 -6.86
N PHE A 841 -19.54 -17.94 -5.67
CA PHE A 841 -20.76 -17.25 -5.28
C PHE A 841 -20.40 -16.17 -4.28
N HIS A 842 -20.56 -14.91 -4.67
CA HIS A 842 -20.25 -13.77 -3.81
C HIS A 842 -21.57 -13.16 -3.34
N VAL A 843 -21.83 -13.27 -2.05
CA VAL A 843 -23.09 -12.84 -1.45
C VAL A 843 -22.82 -11.60 -0.62
N PRO A 844 -23.36 -10.43 -0.98
CA PRO A 844 -23.26 -9.27 -0.09
C PRO A 844 -24.24 -9.39 1.05
N ILE A 845 -23.77 -9.10 2.26
CA ILE A 845 -24.61 -9.08 3.45
C ILE A 845 -24.30 -7.82 4.24
N THR A 846 -25.24 -7.43 5.10
CA THR A 846 -25.14 -6.22 5.90
C THR A 846 -25.24 -6.58 7.38
N MET A 847 -24.29 -6.09 8.17
CA MET A 847 -24.33 -6.25 9.62
C MET A 847 -24.87 -4.99 10.27
N ASN A 848 -25.50 -5.17 11.42
CA ASN A 848 -26.14 -4.08 12.14
C ASN A 848 -27.11 -3.32 11.23
N PHE A 849 -28.11 -4.06 10.75
CA PHE A 849 -29.10 -3.47 9.85
C PHE A 849 -29.85 -2.33 10.53
N LYS A 850 -30.30 -2.56 11.76
CA LYS A 850 -31.01 -1.52 12.53
C LYS A 850 -30.04 -0.76 13.44
N ALA A 851 -29.03 -0.15 12.83
CA ALA A 851 -28.02 0.60 13.55
C ALA A 851 -28.30 2.09 13.43
N GLU A 852 -28.10 2.82 14.54
CA GLU A 852 -28.40 4.25 14.56
C GLU A 852 -27.53 5.00 13.55
N GLY A 853 -26.24 4.69 13.50
CA GLY A 853 -25.36 5.30 12.52
C GLY A 853 -24.29 6.19 13.11
N ASN A 854 -23.86 5.90 14.34
CA ASN A 854 -22.78 6.66 14.99
C ASN A 854 -21.44 6.21 14.41
N SER A 855 -21.19 6.63 13.17
CA SER A 855 -19.99 6.21 12.46
C SER A 855 -18.72 6.75 13.11
N ASN A 856 -18.81 7.78 13.93
CA ASN A 856 -17.66 8.35 14.62
C ASN A 856 -17.93 8.26 16.12
N ILE A 857 -17.37 7.24 16.77
CA ILE A 857 -17.64 6.96 18.17
C ILE A 857 -16.62 7.66 19.06
N ASN A 858 -15.82 8.54 18.48
CA ASN A 858 -14.76 9.20 19.24
C ASN A 858 -15.33 10.03 20.39
N ASP A 859 -16.41 10.76 20.13
CA ASP A 859 -17.01 11.59 21.17
C ASP A 859 -17.55 10.74 22.31
N GLU A 860 -18.11 9.57 22.00
CA GLU A 860 -18.63 8.70 23.05
C GLU A 860 -17.50 8.00 23.81
N VAL A 861 -16.46 7.57 23.08
CA VAL A 861 -15.33 6.92 23.73
C VAL A 861 -14.64 7.88 24.68
N ASN A 862 -14.41 9.11 24.23
CA ASN A 862 -13.75 10.10 25.08
C ASN A 862 -14.60 10.44 26.30
N GLU A 863 -15.92 10.56 26.11
CA GLU A 863 -16.81 10.84 27.24
C GLU A 863 -16.76 9.71 28.26
N PHE A 864 -16.79 8.47 27.79
CA PHE A 864 -16.70 7.34 28.71
C PHE A 864 -15.36 7.30 29.43
N LEU A 865 -14.27 7.56 28.70
CA LEU A 865 -12.94 7.52 29.31
C LEU A 865 -12.80 8.60 30.36
N LYS A 866 -13.27 9.81 30.09
CA LYS A 866 -13.23 10.87 31.10
C LYS A 866 -14.11 10.53 32.29
N GLY A 867 -15.33 10.06 32.04
CA GLY A 867 -16.24 9.78 33.14
C GLY A 867 -15.79 8.65 34.03
N ASN A 868 -15.32 7.56 33.44
CA ASN A 868 -15.00 6.34 34.20
C ASN A 868 -13.74 5.72 33.62
N ALA A 869 -12.59 5.96 34.27
CA ALA A 869 -11.38 5.23 33.91
C ALA A 869 -10.47 4.96 35.10
N PRO A 870 -10.94 4.33 36.18
CA PRO A 870 -10.02 3.81 37.20
C PRO A 870 -9.47 2.43 36.87
N ASP A 871 -10.06 1.71 35.93
CA ASP A 871 -9.67 0.34 35.61
C ASP A 871 -9.40 0.17 34.12
N VAL A 872 -9.03 1.23 33.42
CA VAL A 872 -8.76 1.19 32.00
C VAL A 872 -7.24 1.06 31.81
N ASN A 873 -6.82 -0.02 31.16
CA ASN A 873 -5.41 -0.26 30.90
C ASN A 873 -5.03 0.31 29.54
N ILE A 874 -3.74 0.24 29.21
CA ILE A 874 -3.22 0.75 27.95
C ILE A 874 -2.36 -0.34 27.32
N ILE A 875 -2.46 -0.46 26.00
CA ILE A 875 -1.69 -1.45 25.23
C ILE A 875 -0.88 -0.70 24.17
N GLY A 876 0.41 -0.98 24.11
CA GLY A 876 1.27 -0.35 23.14
C GLY A 876 1.90 -1.34 22.20
N ILE A 877 1.82 -1.08 20.89
CA ILE A 877 2.36 -1.96 19.87
C ILE A 877 3.45 -1.20 19.13
N ASP A 878 4.67 -1.74 19.15
CA ASP A 878 5.81 -1.16 18.45
C ASP A 878 6.54 -2.25 17.70
N ARG A 879 6.93 -1.97 16.46
CA ARG A 879 7.69 -2.91 15.64
C ARG A 879 9.15 -2.85 16.09
N GLY A 880 9.61 -3.92 16.74
CA GLY A 880 10.96 -3.94 17.25
C GLY A 880 11.99 -4.20 16.15
N GLU A 881 13.25 -3.88 16.47
CA GLU A 881 14.33 -4.12 15.54
C GLU A 881 14.56 -5.62 15.34
N ARG A 882 14.62 -6.38 16.43
CA ARG A 882 14.78 -7.83 16.36
C ARG A 882 13.43 -8.52 16.35
N HIS A 883 12.60 -8.28 17.36
CA HIS A 883 11.27 -8.85 17.41
C HIS A 883 10.39 -8.23 16.33
N LEU A 884 9.54 -9.06 15.71
CA LEU A 884 8.65 -8.57 14.66
C LEU A 884 7.72 -7.49 15.19
N LEU A 885 7.02 -7.79 16.28
CA LEU A 885 6.15 -6.83 16.94
C LEU A 885 6.20 -7.12 18.44
N TYR A 886 6.28 -6.07 19.25
CA TYR A 886 6.36 -6.22 20.69
C TYR A 886 5.12 -5.60 21.33
N LEU A 887 4.62 -6.24 22.38
CA LEU A 887 3.42 -5.80 23.06
C LEU A 887 3.72 -5.50 24.52
N THR A 888 3.14 -4.42 25.04
CA THR A 888 3.26 -4.06 26.44
C THR A 888 1.93 -3.51 26.93
N LEU A 889 1.43 -4.07 28.03
CA LEU A 889 0.18 -3.65 28.65
C LEU A 889 0.49 -3.03 30.00
N ILE A 890 0.01 -1.81 30.23
CA ILE A 890 0.32 -1.05 31.43
C ILE A 890 -0.98 -0.56 32.07
N ASP A 891 -0.89 -0.24 33.36
CA ASP A 891 -2.01 0.29 34.13
C ASP A 891 -2.07 1.80 33.98
N GLN A 892 -2.91 2.44 34.81
CA GLN A 892 -2.97 3.89 34.87
C GLN A 892 -1.81 4.49 35.64
N LYS A 893 -1.05 3.67 36.37
CA LYS A 893 0.12 4.14 37.11
C LYS A 893 1.43 3.84 36.40
N GLY A 894 1.37 3.24 35.21
CA GLY A 894 2.57 2.89 34.47
C GLY A 894 3.14 1.52 34.78
N LYS A 895 2.56 0.78 35.73
CA LYS A 895 3.05 -0.55 36.04
C LYS A 895 2.73 -1.51 34.90
N ILE A 896 3.74 -2.24 34.45
CA ILE A 896 3.57 -3.20 33.37
C ILE A 896 2.95 -4.48 33.94
N VAL A 897 1.95 -5.01 33.25
CA VAL A 897 1.30 -6.26 33.62
C VAL A 897 1.80 -7.41 32.77
N GLU A 898 1.78 -7.25 31.45
CA GLU A 898 2.15 -8.31 30.52
C GLU A 898 3.18 -7.79 29.53
N GLN A 899 4.26 -8.55 29.36
CA GLN A 899 5.26 -8.28 28.34
C GLN A 899 5.47 -9.55 27.52
N ASP A 900 5.36 -9.43 26.21
CA ASP A 900 5.52 -10.58 25.33
C ASP A 900 5.77 -10.11 23.91
N SER A 901 6.85 -10.60 23.31
CA SER A 901 7.10 -10.36 21.90
C SER A 901 6.12 -11.19 21.06
N LEU A 902 5.57 -10.56 20.02
CA LEU A 902 4.59 -11.22 19.17
C LEU A 902 5.23 -11.97 18.02
N ASN A 903 6.52 -12.30 18.12
CA ASN A 903 7.19 -13.05 17.06
C ASN A 903 6.66 -14.48 17.00
N THR A 904 6.31 -15.05 18.14
CA THR A 904 5.67 -16.36 18.21
C THR A 904 4.26 -16.19 18.76
N ILE A 905 3.29 -16.78 18.07
CA ILE A 905 1.88 -16.69 18.46
C ILE A 905 1.48 -18.01 19.09
N THR A 906 1.16 -17.97 20.38
CA THR A 906 0.76 -19.17 21.13
C THR A 906 -0.76 -19.17 21.22
N ASN A 907 -1.41 -19.86 20.29
CA ASN A 907 -2.85 -20.04 20.29
C ASN A 907 -3.17 -21.24 21.19
N GLU A 908 -4.43 -21.71 21.15
CA GLU A 908 -4.80 -22.87 21.95
C GLU A 908 -3.99 -24.11 21.56
N HIS A 909 -3.57 -24.20 20.30
CA HIS A 909 -2.74 -25.31 19.85
C HIS A 909 -1.27 -24.95 20.06
N ASN A 910 -0.37 -25.76 19.51
CA ASN A 910 1.06 -25.51 19.65
C ASN A 910 1.42 -24.16 19.02
N GLU A 911 2.38 -23.48 19.63
CA GLU A 911 2.81 -22.18 19.15
C GLU A 911 3.54 -22.29 17.82
N THR A 912 3.49 -21.21 17.05
CA THR A 912 4.16 -21.13 15.75
C THR A 912 5.21 -20.04 15.81
N ASP A 913 6.44 -20.39 15.46
CA ASP A 913 7.56 -19.45 15.49
C ASP A 913 7.60 -18.70 14.15
N TYR A 914 6.70 -17.71 14.04
CA TYR A 914 6.59 -16.93 12.81
C TYR A 914 7.88 -16.17 12.52
N HIS A 915 8.64 -15.80 13.56
CA HIS A 915 9.94 -15.19 13.34
C HIS A 915 10.89 -16.16 12.64
N ALA A 916 10.89 -17.42 13.07
CA ALA A 916 11.72 -18.43 12.40
C ALA A 916 11.27 -18.65 10.97
N LEU A 917 9.95 -18.67 10.73
CA LEU A 917 9.44 -18.89 9.39
C LEU A 917 9.91 -17.78 8.44
N LEU A 918 9.74 -16.53 8.84
CA LEU A 918 10.16 -15.42 7.99
C LEU A 918 11.68 -15.41 7.80
N ASP A 919 12.42 -15.70 8.87
CA ASP A 919 13.88 -15.69 8.77
C ASP A 919 14.37 -16.75 7.81
N ASP A 920 13.76 -17.95 7.84
CA ASP A 920 14.15 -18.99 6.90
C ASP A 920 13.70 -18.66 5.48
N LYS A 921 12.48 -18.12 5.34
CA LYS A 921 11.91 -17.91 4.01
C LYS A 921 12.55 -16.74 3.27
N GLU A 922 13.08 -15.75 4.00
CA GLU A 922 13.81 -14.70 3.30
C GLU A 922 15.06 -15.27 2.62
N LYS A 923 15.81 -16.13 3.33
CA LYS A 923 16.94 -16.80 2.72
C LYS A 923 16.50 -17.70 1.58
N GLU A 924 15.39 -18.43 1.77
CA GLU A 924 14.88 -19.31 0.72
C GLU A 924 14.56 -18.51 -0.55
N ARG A 925 13.88 -17.39 -0.40
CA ARG A 925 13.51 -16.58 -1.56
C ARG A 925 14.74 -15.97 -2.23
N ASP A 926 15.68 -15.43 -1.44
CA ASP A 926 16.83 -14.79 -2.06
C ASP A 926 17.75 -15.82 -2.73
N LYS A 927 17.76 -17.06 -2.25
CA LYS A 927 18.57 -18.08 -2.91
C LYS A 927 17.85 -18.69 -4.11
N ALA A 928 16.52 -18.77 -4.07
CA ALA A 928 15.76 -19.32 -5.20
C ALA A 928 15.52 -18.30 -6.30
N ARG A 929 15.70 -17.00 -6.03
CA ARG A 929 15.55 -16.00 -7.08
C ARG A 929 16.56 -16.22 -8.20
N LYS A 930 17.80 -16.55 -7.83
CA LYS A 930 18.80 -16.90 -8.85
C LYS A 930 18.38 -18.14 -9.62
N SER A 931 17.81 -19.13 -8.92
CA SER A 931 17.25 -20.30 -9.58
C SER A 931 16.03 -19.98 -10.42
N TRP A 932 15.47 -18.78 -10.29
CA TRP A 932 14.34 -18.28 -11.07
C TRP A 932 13.03 -19.00 -10.75
N GLY A 933 12.98 -19.71 -9.62
CA GLY A 933 11.74 -20.28 -9.16
C GLY A 933 10.83 -19.23 -8.55
N THR A 934 9.66 -19.02 -9.16
CA THR A 934 8.75 -17.95 -8.73
C THR A 934 8.03 -18.38 -7.45
N ILE A 935 8.83 -18.50 -6.37
CA ILE A 935 8.27 -18.84 -5.07
C ILE A 935 7.48 -17.66 -4.50
N GLU A 936 8.02 -16.44 -4.66
CA GLU A 936 7.42 -15.23 -4.11
C GLU A 936 7.18 -15.36 -2.62
N ASN A 937 5.91 -15.41 -2.23
CA ASN A 937 5.47 -15.52 -0.81
C ASN A 937 6.11 -14.35 -0.06
N ILE A 938 6.63 -14.58 1.15
CA ILE A 938 7.21 -13.55 2.00
C ILE A 938 6.17 -12.48 2.32
N LYS A 939 5.68 -11.79 1.29
CA LYS A 939 4.60 -10.82 1.47
C LYS A 939 3.34 -11.50 2.01
N GLU A 940 2.93 -12.60 1.37
CA GLU A 940 1.71 -13.27 1.79
C GLU A 940 1.83 -13.84 3.20
N LEU A 941 2.99 -14.42 3.53
CA LEU A 941 3.19 -14.92 4.88
C LEU A 941 3.16 -13.78 5.90
N LYS A 942 3.78 -12.65 5.57
CA LYS A 942 3.76 -11.51 6.48
C LYS A 942 2.39 -10.84 6.53
N GLU A 943 1.58 -10.98 5.50
CA GLU A 943 0.20 -10.50 5.53
C GLU A 943 -0.77 -11.53 6.06
N GLY A 944 -0.32 -12.76 6.30
CA GLY A 944 -1.13 -13.79 6.93
C GLY A 944 -0.67 -14.03 8.36
N TYR A 945 0.51 -13.50 8.67
CA TYR A 945 0.98 -13.42 10.06
C TYR A 945 0.22 -12.37 10.85
N LEU A 946 -0.05 -11.22 10.23
CA LEU A 946 -0.68 -10.11 10.96
C LEU A 946 -2.10 -10.42 11.39
N SER A 947 -2.76 -11.37 10.74
CA SER A 947 -4.10 -11.77 11.17
C SER A 947 -4.07 -12.40 12.57
N GLN A 948 -3.07 -13.24 12.84
CA GLN A 948 -2.92 -13.81 14.17
C GLN A 948 -2.69 -12.72 15.20
N VAL A 949 -1.85 -11.74 14.86
CA VAL A 949 -1.59 -10.63 15.78
C VAL A 949 -2.87 -9.83 16.03
N VAL A 950 -3.67 -9.61 14.98
CA VAL A 950 -4.93 -8.88 15.14
C VAL A 950 -5.86 -9.64 16.08
N HIS A 951 -5.94 -10.96 15.92
CA HIS A 951 -6.77 -11.76 16.82
C HIS A 951 -6.27 -11.64 18.26
N LYS A 952 -4.95 -11.69 18.46
CA LYS A 952 -4.40 -11.58 19.80
C LYS A 952 -4.70 -10.21 20.41
N ILE A 953 -4.57 -9.15 19.61
CA ILE A 953 -4.85 -7.80 20.10
C ILE A 953 -6.32 -7.67 20.50
N ALA A 954 -7.22 -8.20 19.67
CA ALA A 954 -8.64 -8.14 20.01
C ALA A 954 -8.94 -8.90 21.30
N LYS A 955 -8.35 -10.09 21.45
CA LYS A 955 -8.54 -10.86 22.68
C LYS A 955 -8.04 -10.10 23.89
N LEU A 956 -6.85 -9.49 23.78
CA LEU A 956 -6.30 -8.75 24.91
C LEU A 956 -7.14 -7.51 25.24
N MET A 957 -7.63 -6.81 24.21
CA MET A 957 -8.50 -5.67 24.44
C MET A 957 -9.76 -6.07 25.20
N VAL A 958 -10.38 -7.17 24.77
CA VAL A 958 -11.63 -7.58 25.41
C VAL A 958 -11.36 -8.10 26.82
N GLU A 959 -10.27 -8.84 27.01
CA GLU A 959 -10.03 -9.48 28.30
C GLU A 959 -9.54 -8.49 29.35
N HIS A 960 -8.63 -7.60 28.99
CA HIS A 960 -7.96 -6.74 29.94
C HIS A 960 -8.50 -5.32 29.97
N ASN A 961 -9.56 -5.03 29.21
CA ASN A 961 -10.23 -3.73 29.24
C ASN A 961 -9.26 -2.59 28.93
N ALA A 962 -8.43 -2.78 27.91
CA ALA A 962 -7.36 -1.85 27.59
C ALA A 962 -7.58 -1.19 26.25
N ILE A 963 -7.17 0.07 26.14
CA ILE A 963 -7.12 0.78 24.87
C ILE A 963 -5.83 0.39 24.16
N VAL A 964 -5.73 0.71 22.88
CA VAL A 964 -4.55 0.37 22.06
C VAL A 964 -3.95 1.66 21.52
N VAL A 965 -2.64 1.79 21.67
CA VAL A 965 -1.89 2.96 21.22
C VAL A 965 -0.80 2.48 20.25
N MET A 966 -0.69 3.15 19.12
CA MET A 966 0.24 2.76 18.07
C MET A 966 1.07 3.94 17.57
N GLU A 967 2.06 3.60 16.77
CA GLU A 967 2.85 4.60 16.06
C GLU A 967 2.00 5.31 15.02
N ASP A 968 2.20 6.62 14.90
CA ASP A 968 1.54 7.41 13.87
C ASP A 968 2.42 7.40 12.62
N LEU A 969 1.94 6.72 11.57
CA LEU A 969 2.74 6.56 10.36
C LEU A 969 2.54 7.70 9.37
N ASN A 970 1.63 8.63 9.65
CA ASN A 970 1.44 9.81 8.81
C ASN A 970 2.41 10.92 9.20
N PHE A 971 2.38 11.33 10.46
CA PHE A 971 3.24 12.39 10.98
C PHE A 971 3.83 11.89 12.31
N GLY A 972 5.04 11.33 12.25
CA GLY A 972 5.64 10.76 13.43
C GLY A 972 6.23 9.38 13.22
N PHE A 973 6.32 8.95 11.97
CA PHE A 973 6.88 7.64 11.66
C PHE A 973 8.34 7.57 12.06
N LYS A 974 8.86 6.35 12.11
CA LYS A 974 10.22 6.08 12.57
C LYS A 974 11.14 5.86 11.38
N ARG A 975 12.38 5.46 11.66
CA ARG A 975 13.38 5.19 10.64
C ARG A 975 13.13 3.81 10.05
N GLY A 976 14.09 3.32 9.26
CA GLY A 976 14.04 1.98 8.72
C GLY A 976 14.57 0.94 9.67
N ARG A 977 15.20 -0.09 9.10
CA ARG A 977 15.86 -1.17 9.85
C ARG A 977 14.97 -1.78 10.93
N PHE A 978 13.68 -1.93 10.61
CA PHE A 978 12.79 -2.77 11.40
C PHE A 978 12.22 -3.87 10.52
N LYS A 979 11.90 -5.00 11.16
CA LYS A 979 11.40 -6.16 10.43
C LYS A 979 10.09 -5.84 9.72
N VAL A 980 9.17 -5.17 10.41
CA VAL A 980 7.89 -4.79 9.83
C VAL A 980 8.03 -3.38 9.29
N GLU A 981 8.21 -3.26 7.98
CA GLU A 981 8.43 -1.97 7.34
C GLU A 981 7.16 -1.12 7.42
N LYS A 982 7.29 0.12 6.94
CA LYS A 982 6.17 1.06 7.01
C LYS A 982 4.97 0.57 6.20
N GLN A 983 5.22 0.01 5.02
CA GLN A 983 4.13 -0.46 4.18
C GLN A 983 3.35 -1.59 4.86
N VAL A 984 4.05 -2.53 5.47
CA VAL A 984 3.38 -3.64 6.15
C VAL A 984 2.65 -3.16 7.39
N TYR A 985 3.25 -2.24 8.14
CA TYR A 985 2.63 -1.74 9.36
C TYR A 985 1.34 -0.99 9.07
N GLN A 986 1.30 -0.25 7.96
CA GLN A 986 0.06 0.42 7.57
C GLN A 986 -1.05 -0.59 7.31
N LYS A 987 -0.71 -1.69 6.63
CA LYS A 987 -1.70 -2.73 6.38
C LYS A 987 -2.14 -3.39 7.68
N PHE A 988 -1.21 -3.60 8.62
CA PHE A 988 -1.58 -4.18 9.90
C PHE A 988 -2.55 -3.27 10.66
N GLU A 989 -2.29 -1.96 10.65
CA GLU A 989 -3.19 -1.02 11.31
C GLU A 989 -4.56 -1.02 10.64
N LYS A 990 -4.59 -1.08 9.31
CA LYS A 990 -5.86 -1.14 8.59
C LYS A 990 -6.61 -2.42 8.93
N MET A 991 -5.91 -3.55 9.02
CA MET A 991 -6.55 -4.81 9.36
C MET A 991 -7.12 -4.79 10.77
N LEU A 992 -6.39 -4.20 11.72
CA LEU A 992 -6.92 -4.12 13.08
C LEU A 992 -8.13 -3.19 13.14
N ILE A 993 -8.08 -2.06 12.42
CA ILE A 993 -9.24 -1.18 12.36
C ILE A 993 -10.45 -1.92 11.79
N ASP A 994 -10.25 -2.68 10.71
CA ASP A 994 -11.34 -3.42 10.11
C ASP A 994 -11.89 -4.48 11.06
N LYS A 995 -10.99 -5.19 11.76
CA LYS A 995 -11.43 -6.23 12.68
C LYS A 995 -12.23 -5.66 13.84
N LEU A 996 -11.79 -4.52 14.38
CA LEU A 996 -12.47 -3.95 15.53
C LEU A 996 -13.74 -3.19 15.14
N ASN A 997 -13.98 -2.98 13.84
CA ASN A 997 -15.26 -2.44 13.39
C ASN A 997 -16.39 -3.40 13.74
N TYR A 998 -16.16 -4.70 13.56
CA TYR A 998 -17.13 -5.73 13.91
C TYR A 998 -16.35 -6.89 14.50
N LEU A 999 -16.42 -7.04 15.83
CA LEU A 999 -15.59 -8.01 16.56
C LEU A 999 -16.51 -9.01 17.24
N VAL A 1000 -16.56 -10.23 16.70
CA VAL A 1000 -17.33 -11.31 17.27
C VAL A 1000 -16.39 -12.38 17.79
N ASP A 1001 -16.90 -13.19 18.71
CA ASP A 1001 -16.19 -14.34 19.25
C ASP A 1001 -16.99 -15.59 18.94
N LYS A 1002 -16.31 -16.60 18.39
CA LYS A 1002 -16.98 -17.86 18.06
C LYS A 1002 -17.37 -18.66 19.29
N ASP A 1003 -16.87 -18.30 20.47
CA ASP A 1003 -17.19 -19.02 21.70
C ASP A 1003 -18.28 -18.33 22.53
N LYS A 1004 -18.40 -17.02 22.43
CA LYS A 1004 -19.38 -16.29 23.22
C LYS A 1004 -20.80 -16.64 22.77
N GLU A 1005 -21.76 -16.38 23.65
CA GLU A 1005 -23.15 -16.59 23.32
C GLU A 1005 -23.61 -15.58 22.27
N PRO A 1006 -24.61 -15.94 21.45
CA PRO A 1006 -25.06 -15.00 20.42
C PRO A 1006 -25.56 -13.67 20.96
N ASN A 1007 -26.21 -13.66 22.12
CA ASN A 1007 -26.78 -12.44 22.65
C ASN A 1007 -25.85 -11.73 23.63
N GLU A 1008 -24.88 -12.44 24.21
CA GLU A 1008 -23.93 -11.80 25.09
C GLU A 1008 -23.11 -10.76 24.31
N PRO A 1009 -22.81 -9.61 24.91
CA PRO A 1009 -22.00 -8.60 24.20
C PRO A 1009 -20.69 -9.19 23.71
N GLY A 1010 -20.35 -8.86 22.47
CA GLY A 1010 -19.23 -9.49 21.80
C GLY A 1010 -19.56 -10.76 21.06
N GLY A 1011 -20.79 -11.26 21.19
CA GLY A 1011 -21.21 -12.47 20.52
C GLY A 1011 -21.64 -12.20 19.09
N LEU A 1012 -22.29 -13.21 18.51
CA LEU A 1012 -22.65 -13.15 17.09
C LEU A 1012 -23.65 -12.05 16.81
N LEU A 1013 -24.67 -11.90 17.65
CA LEU A 1013 -25.75 -10.95 17.41
C LEU A 1013 -25.58 -9.65 18.19
N ASN A 1014 -24.52 -9.52 18.99
CA ASN A 1014 -24.33 -8.35 19.83
C ASN A 1014 -22.86 -7.90 19.74
N ALA A 1015 -22.35 -7.88 18.51
CA ALA A 1015 -20.91 -7.70 18.28
C ALA A 1015 -20.41 -6.34 18.78
N TYR A 1016 -19.19 -6.34 19.28
CA TYR A 1016 -18.50 -5.11 19.65
C TYR A 1016 -18.19 -4.28 18.41
N GLN A 1017 -18.23 -2.95 18.58
CA GLN A 1017 -17.83 -1.99 17.55
C GLN A 1017 -16.96 -0.95 18.23
N LEU A 1018 -15.65 -1.18 18.21
CA LEU A 1018 -14.70 -0.40 18.99
C LEU A 1018 -13.81 0.48 18.11
N THR A 1019 -14.26 0.81 16.91
CA THR A 1019 -13.45 1.58 15.98
C THR A 1019 -14.35 2.16 14.90
N ASN A 1020 -14.01 3.37 14.45
CA ASN A 1020 -14.78 4.01 13.39
C ASN A 1020 -14.52 3.32 12.06
N LYS A 1021 -15.49 3.45 11.15
CA LYS A 1021 -15.35 2.84 9.83
C LYS A 1021 -14.15 3.43 9.10
N PHE A 1022 -13.37 2.55 8.47
CA PHE A 1022 -12.14 2.96 7.81
C PHE A 1022 -12.44 3.52 6.42
N GLU A 1023 -11.90 4.70 6.14
CA GLU A 1023 -12.02 5.33 4.82
C GLU A 1023 -10.67 5.56 4.16
N SER A 1024 -9.68 6.02 4.90
CA SER A 1024 -8.34 6.24 4.37
C SER A 1024 -7.36 6.40 5.52
N PHE A 1025 -6.07 6.25 5.21
CA PHE A 1025 -5.04 6.46 6.21
C PHE A 1025 -5.01 7.91 6.69
N GLN A 1026 -5.23 8.86 5.78
CA GLN A 1026 -5.18 10.27 6.15
C GLN A 1026 -6.42 10.72 6.92
N LYS A 1027 -7.59 10.15 6.61
CA LYS A 1027 -8.83 10.59 7.24
C LYS A 1027 -8.80 10.34 8.75
N MET A 1028 -8.27 9.20 9.18
CA MET A 1028 -8.14 8.93 10.60
C MET A 1028 -7.10 9.85 11.22
N GLY A 1029 -7.44 10.45 12.36
CA GLY A 1029 -6.54 11.38 13.01
C GLY A 1029 -5.72 10.72 14.11
N LYS A 1030 -5.74 11.30 15.30
CA LYS A 1030 -5.04 10.77 16.45
C LYS A 1030 -5.90 9.83 17.28
N GLN A 1031 -7.10 9.51 16.81
CA GLN A 1031 -8.00 8.62 17.53
C GLN A 1031 -8.95 7.97 16.55
N SER A 1032 -9.11 6.65 16.67
CA SER A 1032 -10.00 5.87 15.81
C SER A 1032 -10.96 5.06 16.67
N GLY A 1033 -11.54 5.72 17.67
CA GLY A 1033 -12.42 5.05 18.62
C GLY A 1033 -11.67 4.69 19.89
N PHE A 1034 -11.36 3.41 20.06
CA PHE A 1034 -10.54 2.96 21.17
C PHE A 1034 -9.07 2.85 20.80
N LEU A 1035 -8.71 3.17 19.57
CA LEU A 1035 -7.32 3.17 19.13
C LEU A 1035 -6.82 4.61 19.07
N PHE A 1036 -5.72 4.88 19.76
CA PHE A 1036 -5.08 6.19 19.75
C PHE A 1036 -3.75 6.11 19.03
N TYR A 1037 -3.45 7.12 18.23
CA TYR A 1037 -2.20 7.17 17.47
C TYR A 1037 -1.34 8.28 18.04
N VAL A 1038 -0.06 7.96 18.28
CA VAL A 1038 0.87 8.91 18.86
C VAL A 1038 2.13 8.95 17.99
N PRO A 1039 2.84 10.07 17.93
CA PRO A 1039 4.11 10.10 17.19
C PRO A 1039 5.18 9.32 17.94
N ALA A 1040 5.78 8.35 17.27
CA ALA A 1040 6.80 7.54 17.91
C ALA A 1040 8.15 8.24 17.86
N TRP A 1041 8.19 9.47 18.35
CA TRP A 1041 9.43 10.22 18.53
C TRP A 1041 9.89 10.03 19.96
N ASN A 1042 11.13 9.60 20.14
CA ASN A 1042 11.70 9.35 21.46
C ASN A 1042 10.83 8.36 22.24
N THR A 1043 10.77 7.14 21.71
CA THR A 1043 10.09 6.04 22.40
C THR A 1043 11.02 4.88 22.73
N SER A 1044 12.14 4.73 22.04
CA SER A 1044 13.06 3.62 22.27
C SER A 1044 14.25 4.00 23.15
N LYS A 1045 14.96 5.06 22.79
CA LYS A 1045 16.18 5.44 23.51
C LYS A 1045 15.86 6.39 24.67
N ILE A 1046 15.08 5.89 25.62
CA ILE A 1046 14.77 6.60 26.85
C ILE A 1046 14.85 5.63 28.02
N ASP A 1047 15.39 6.10 29.13
CA ASP A 1047 15.41 5.31 30.35
C ASP A 1047 13.98 5.03 30.80
N PRO A 1048 13.62 3.79 31.15
CA PRO A 1048 12.28 3.56 31.70
C PRO A 1048 12.11 4.07 33.11
N THR A 1049 13.11 3.85 33.99
CA THR A 1049 12.98 4.27 35.37
C THR A 1049 12.86 5.78 35.50
N THR A 1050 13.89 6.51 35.08
CA THR A 1050 13.86 7.96 35.02
C THR A 1050 13.38 8.40 33.65
N GLY A 1051 13.50 9.68 33.34
CA GLY A 1051 13.08 10.17 32.04
C GLY A 1051 14.21 10.73 31.20
N PHE A 1052 15.43 10.21 31.39
CA PHE A 1052 16.58 10.73 30.68
C PHE A 1052 16.48 10.43 29.19
N VAL A 1053 16.79 11.44 28.38
CA VAL A 1053 16.85 11.31 26.93
C VAL A 1053 18.13 12.00 26.45
N ASN A 1054 18.74 11.43 25.42
CA ASN A 1054 19.96 11.98 24.84
C ASN A 1054 19.57 12.94 23.71
N LEU A 1055 19.37 14.20 24.05
CA LEU A 1055 19.08 15.24 23.07
C LEU A 1055 20.33 15.87 22.49
N PHE A 1056 21.51 15.39 22.85
CA PHE A 1056 22.75 15.98 22.35
C PHE A 1056 22.87 15.76 20.85
N HIS A 1057 23.42 16.77 20.16
CA HIS A 1057 23.82 16.64 18.76
C HIS A 1057 25.24 17.20 18.61
N PRO A 1058 26.22 16.57 19.27
CA PRO A 1058 27.57 17.16 19.32
C PRO A 1058 28.22 17.38 17.96
N ARG A 1059 28.35 16.30 17.18
CA ARG A 1059 29.11 16.31 15.92
C ARG A 1059 30.56 16.73 16.18
N TYR A 1060 31.40 16.73 15.15
CA TYR A 1060 32.79 17.12 15.29
C TYR A 1060 33.10 18.34 14.42
N GLU A 1061 33.81 19.29 15.00
CA GLU A 1061 34.28 20.46 14.28
C GLU A 1061 35.66 20.81 14.87
N ASN A 1062 36.15 22.01 14.56
CA ASN A 1062 37.47 22.43 14.99
C ASN A 1062 37.54 22.55 16.51
N VAL A 1063 38.74 22.85 17.01
CA VAL A 1063 38.99 22.87 18.45
C VAL A 1063 38.10 23.89 19.14
N GLU A 1064 37.95 25.08 18.55
CA GLU A 1064 37.29 26.19 19.23
C GLU A 1064 35.86 25.83 19.62
N LYS A 1065 35.08 25.28 18.68
CA LYS A 1065 33.69 24.96 18.99
C LYS A 1065 33.60 23.81 19.98
N ALA A 1066 34.50 22.84 19.88
CA ALA A 1066 34.52 21.75 20.85
C ALA A 1066 34.82 22.27 22.26
N LYS A 1067 35.79 23.17 22.37
CA LYS A 1067 36.11 23.75 23.67
C LYS A 1067 34.94 24.56 24.22
N GLU A 1068 34.24 25.28 23.35
CA GLU A 1068 33.04 25.98 23.78
C GLU A 1068 31.98 25.00 24.26
N PHE A 1069 31.86 23.86 23.58
CA PHE A 1069 30.88 22.84 23.97
C PHE A 1069 31.18 22.27 25.35
N PHE A 1070 32.42 21.82 25.57
CA PHE A 1070 32.79 21.28 26.88
C PHE A 1070 32.85 22.34 27.96
N ASN A 1071 32.80 23.63 27.61
CA ASN A 1071 32.83 24.68 28.61
C ASN A 1071 31.51 24.83 29.36
N LYS A 1072 30.40 24.35 28.78
CA LYS A 1072 29.08 24.52 29.37
C LYS A 1072 28.69 23.39 30.31
N PHE A 1073 29.51 22.35 30.44
CA PHE A 1073 29.26 21.33 31.45
C PHE A 1073 29.37 21.95 32.84
N ASP A 1074 28.42 21.57 33.71
CA ASP A 1074 28.42 22.11 35.07
C ASP A 1074 29.67 21.66 35.83
N SER A 1075 29.93 20.36 35.86
CA SER A 1075 31.04 19.85 36.65
C SER A 1075 31.43 18.46 36.15
N ILE A 1076 32.64 18.33 35.64
CA ILE A 1076 33.22 17.04 35.26
C ILE A 1076 34.18 16.61 36.35
N ARG A 1077 33.98 15.42 36.90
CA ARG A 1077 34.78 14.96 38.03
C ARG A 1077 34.80 13.44 38.06
N TYR A 1078 35.69 12.92 38.91
CA TYR A 1078 35.82 11.48 39.13
C TYR A 1078 35.30 11.12 40.51
N ASN A 1079 34.49 10.08 40.58
CA ASN A 1079 33.98 9.58 41.85
C ASN A 1079 34.97 8.58 42.43
N SER A 1080 35.44 8.86 43.64
CA SER A 1080 36.35 7.92 44.31
C SER A 1080 35.66 6.59 44.56
N GLU A 1081 34.40 6.62 44.98
CA GLU A 1081 33.64 5.41 45.24
C GLU A 1081 32.92 4.96 43.97
N LYS A 1082 32.86 3.63 43.78
CA LYS A 1082 32.16 2.93 42.70
C LYS A 1082 32.86 3.06 41.35
N ASP A 1083 33.95 3.84 41.26
CA ASP A 1083 34.83 3.85 40.10
C ASP A 1083 34.08 4.19 38.80
N TYR A 1084 33.54 5.41 38.77
CA TYR A 1084 32.93 5.92 37.54
C TYR A 1084 33.00 7.44 37.53
N PHE A 1085 32.89 7.99 36.32
CA PHE A 1085 32.94 9.43 36.11
C PHE A 1085 31.55 10.03 36.24
N GLU A 1086 31.49 11.29 36.66
CA GLU A 1086 30.25 12.06 36.72
C GLU A 1086 30.36 13.25 35.78
N PHE A 1087 29.42 13.35 34.84
CA PHE A 1087 29.34 14.47 33.91
C PHE A 1087 28.10 15.29 34.30
N ALA A 1088 28.29 16.23 35.22
CA ALA A 1088 27.19 17.07 35.67
C ALA A 1088 26.99 18.23 34.71
N PHE A 1089 25.74 18.51 34.37
CA PHE A 1089 25.40 19.58 33.43
C PHE A 1089 23.90 19.82 33.53
N ASP A 1090 23.43 20.82 32.77
CA ASP A 1090 22.01 21.14 32.66
C ASP A 1090 21.64 21.29 31.20
N TYR A 1091 20.43 20.83 30.85
CA TYR A 1091 19.96 20.93 29.47
C TYR A 1091 19.77 22.37 29.02
N ASN A 1092 19.65 23.33 29.94
CA ASN A 1092 19.39 24.70 29.53
C ASN A 1092 20.56 25.29 28.75
N ASN A 1093 21.79 24.85 29.03
CA ASN A 1093 22.94 25.33 28.30
C ASN A 1093 22.99 24.79 26.87
N PHE A 1094 22.36 23.66 26.61
CA PHE A 1094 22.45 22.98 25.32
C PHE A 1094 21.12 23.12 24.57
N THR A 1095 21.22 23.54 23.31
CA THR A 1095 20.07 23.70 22.42
C THR A 1095 19.10 24.78 22.91
N GLU A 1096 18.28 25.32 22.00
CA GLU A 1096 17.34 26.38 22.35
C GLU A 1096 16.08 25.79 22.98
N LYS A 1097 16.27 25.15 24.13
CA LYS A 1097 15.16 24.59 24.90
C LYS A 1097 15.37 24.91 26.38
N ALA A 1098 14.26 24.99 27.10
CA ALA A 1098 14.26 25.24 28.55
C ALA A 1098 13.27 24.26 29.18
N GLU A 1099 13.76 23.09 29.58
CA GLU A 1099 12.91 22.08 30.19
C GLU A 1099 13.77 21.16 31.03
N GLY A 1100 13.11 20.37 31.87
CA GLY A 1100 13.80 19.40 32.71
C GLY A 1100 14.62 20.07 33.79
N THR A 1101 15.56 19.28 34.34
CA THR A 1101 16.47 19.73 35.39
C THR A 1101 17.88 19.27 35.04
N LYS A 1102 18.81 19.55 35.94
CA LYS A 1102 20.19 19.14 35.74
C LYS A 1102 20.35 17.65 35.98
N TRP A 1103 20.96 16.96 35.03
CA TRP A 1103 21.18 15.52 35.10
C TRP A 1103 22.60 15.25 35.58
N THR A 1104 22.98 13.97 35.60
CA THR A 1104 24.35 13.57 35.93
C THR A 1104 24.67 12.33 35.10
N VAL A 1105 25.31 12.55 33.94
CA VAL A 1105 25.67 11.45 33.05
C VAL A 1105 26.92 10.77 33.58
N CYS A 1106 26.87 9.45 33.71
CA CYS A 1106 27.97 8.66 34.22
C CYS A 1106 28.62 7.88 33.11
N THR A 1107 29.64 7.10 33.47
CA THR A 1107 30.42 6.27 32.55
C THR A 1107 30.44 4.84 33.02
N TYR A 1108 29.29 4.33 33.41
CA TYR A 1108 29.14 2.98 33.94
C TYR A 1108 28.35 2.06 33.01
N GLY A 1109 27.38 2.60 32.29
CA GLY A 1109 26.41 1.80 31.58
C GLY A 1109 26.41 1.93 30.07
N GLU A 1110 27.59 1.95 29.46
CA GLU A 1110 27.69 1.97 28.00
C GLU A 1110 28.86 1.09 27.58
N ARG A 1111 28.55 0.00 26.87
CA ARG A 1111 29.56 -1.00 26.54
C ARG A 1111 29.82 -1.12 25.04
N ILE A 1112 28.79 -1.33 24.23
CA ILE A 1112 28.97 -1.74 22.84
C ILE A 1112 29.42 -0.54 22.00
N LYS A 1113 30.36 -0.80 21.09
CA LYS A 1113 30.86 0.21 20.17
C LYS A 1113 31.28 -0.47 18.86
N THR A 1114 31.05 0.21 17.74
CA THR A 1114 31.39 -0.31 16.43
C THR A 1114 32.43 0.58 15.76
N TYR A 1115 33.28 -0.04 14.94
CA TYR A 1115 34.39 0.69 14.31
C TYR A 1115 33.94 1.43 13.07
N ARG A 1116 33.44 0.71 12.06
CA ARG A 1116 33.11 1.31 10.77
C ARG A 1116 31.95 0.52 10.16
N ASN A 1117 31.67 0.78 8.89
CA ASN A 1117 30.54 0.15 8.20
C ASN A 1117 30.94 -0.99 7.28
N ALA A 1118 32.16 -1.00 6.76
CA ALA A 1118 32.57 -2.04 5.81
C ALA A 1118 34.09 -2.17 5.82
N ASP A 1119 34.58 -3.18 5.09
CA ASP A 1119 35.98 -3.50 4.93
C ASP A 1119 36.56 -4.14 6.18
N LYS A 1120 37.73 -4.76 6.06
CA LYS A 1120 38.38 -5.40 7.20
C LYS A 1120 39.17 -4.38 8.02
N ASN A 1121 39.49 -4.76 9.25
CA ASN A 1121 40.18 -3.98 10.28
C ASN A 1121 39.31 -2.84 10.80
N ASN A 1122 38.11 -2.65 10.26
CA ASN A 1122 37.10 -1.75 10.82
C ASN A 1122 35.77 -2.12 10.19
N GLN A 1123 34.79 -2.48 11.02
CA GLN A 1123 33.62 -3.18 10.51
C GLN A 1123 32.48 -2.99 11.50
N TRP A 1124 31.28 -3.37 11.08
CA TRP A 1124 30.12 -3.35 11.95
C TRP A 1124 30.22 -4.51 12.93
N ASP A 1125 31.21 -4.47 13.81
CA ASP A 1125 31.48 -5.51 14.78
C ASP A 1125 31.43 -4.91 16.18
N SER A 1126 30.63 -5.51 17.05
CA SER A 1126 30.51 -5.03 18.41
C SER A 1126 31.77 -5.36 19.20
N LYS A 1127 32.17 -4.45 20.07
CA LYS A 1127 33.31 -4.66 20.96
C LYS A 1127 32.92 -4.15 22.34
N GLU A 1128 32.66 -5.07 23.27
CA GLU A 1128 32.29 -4.68 24.62
C GLU A 1128 33.49 -4.01 25.30
N VAL A 1129 33.36 -2.72 25.60
CA VAL A 1129 34.42 -1.94 26.21
C VAL A 1129 33.83 -1.14 27.37
N ASN A 1130 34.53 -1.15 28.49
CA ASN A 1130 34.12 -0.36 29.66
C ASN A 1130 34.57 1.08 29.45
N VAL A 1131 33.61 1.99 29.29
CA VAL A 1131 33.95 3.39 29.04
C VAL A 1131 34.71 4.00 30.20
N THR A 1132 34.50 3.49 31.42
CA THR A 1132 35.26 3.98 32.56
C THR A 1132 36.75 3.74 32.37
N GLU A 1133 37.12 2.52 31.98
CA GLU A 1133 38.52 2.17 31.80
C GLU A 1133 39.14 2.95 30.65
N GLU A 1134 38.41 3.07 29.54
CA GLU A 1134 38.93 3.82 28.40
C GLU A 1134 39.09 5.29 28.73
N PHE A 1135 38.13 5.87 29.46
CA PHE A 1135 38.26 7.25 29.92
C PHE A 1135 39.47 7.41 30.83
N LYS A 1136 39.69 6.46 31.74
CA LYS A 1136 40.84 6.53 32.63
C LYS A 1136 42.14 6.52 31.84
N ASN A 1137 42.25 5.60 30.87
CA ASN A 1137 43.46 5.55 30.05
C ASN A 1137 43.65 6.83 29.25
N LEU A 1138 42.58 7.34 28.64
CA LEU A 1138 42.69 8.54 27.82
C LEU A 1138 43.12 9.74 28.64
N PHE A 1139 42.58 9.88 29.85
CA PHE A 1139 42.98 11.01 30.70
C PHE A 1139 44.40 10.83 31.23
N ASP A 1140 44.77 9.60 31.60
CA ASP A 1140 46.09 9.37 32.19
C ASP A 1140 47.21 9.52 31.16
N GLU A 1141 46.95 9.15 29.91
CA GLU A 1141 48.03 9.14 28.92
C GLU A 1141 48.48 10.54 28.52
N TYR A 1142 47.74 11.59 28.90
CA TYR A 1142 48.17 12.98 28.76
C TYR A 1142 48.33 13.66 30.12
N ASN A 1143 48.75 12.91 31.14
CA ASN A 1143 49.17 13.46 32.43
C ASN A 1143 48.08 14.27 33.11
N ILE A 1144 46.82 13.88 32.94
CA ILE A 1144 45.71 14.50 33.63
C ILE A 1144 45.47 13.75 34.94
N ASP A 1145 45.44 14.48 36.05
CA ASP A 1145 45.33 13.88 37.38
C ASP A 1145 43.88 13.95 37.85
N TYR A 1146 43.34 12.80 38.28
CA TYR A 1146 41.99 12.73 38.80
C TYR A 1146 41.87 11.86 40.03
N LYS A 1147 42.99 11.43 40.62
CA LYS A 1147 42.92 10.50 41.76
C LYS A 1147 42.25 11.13 42.97
N ASN A 1148 42.58 12.39 43.27
CA ASN A 1148 42.02 13.06 44.44
C ASN A 1148 40.52 13.31 44.31
N GLY A 1149 39.97 13.24 43.09
CA GLY A 1149 38.56 13.50 42.89
C GLY A 1149 38.22 14.92 42.54
N ASN A 1150 39.22 15.75 42.21
CA ASN A 1150 38.97 17.14 41.88
C ASN A 1150 38.21 17.28 40.57
N ASP A 1151 37.59 18.44 40.39
CA ASP A 1151 36.85 18.72 39.18
C ASP A 1151 37.77 18.73 37.96
N LEU A 1152 37.34 18.12 36.88
CA LEU A 1152 38.16 17.93 35.69
C LEU A 1152 38.03 19.07 34.69
N LYS A 1153 37.22 20.08 35.00
CA LYS A 1153 37.11 21.23 34.10
C LYS A 1153 38.45 21.91 33.90
N GLU A 1154 39.22 22.08 34.97
CA GLU A 1154 40.60 22.51 34.83
C GLU A 1154 41.44 21.40 34.20
N ALA A 1155 42.43 21.82 33.41
CA ALA A 1155 43.38 20.98 32.68
C ALA A 1155 42.74 20.32 31.45
N ILE A 1156 41.43 20.47 31.24
CA ILE A 1156 40.82 20.05 29.98
C ILE A 1156 40.75 21.19 28.98
N LEU A 1157 40.94 22.44 29.43
CA LEU A 1157 41.01 23.60 28.56
C LEU A 1157 42.42 23.86 28.04
N SER A 1158 43.30 22.86 28.09
CA SER A 1158 44.69 23.02 27.68
C SER A 1158 44.84 23.18 26.17
N GLN A 1159 43.80 22.90 25.39
CA GLN A 1159 43.84 22.98 23.93
C GLN A 1159 44.87 22.03 23.34
N ASP A 1160 45.14 22.16 22.05
CA ASP A 1160 46.12 21.35 21.33
C ASP A 1160 45.73 19.87 21.30
N ASP A 1161 46.41 19.09 20.47
CA ASP A 1161 46.16 17.65 20.35
C ASP A 1161 44.70 17.38 19.98
N ALA A 1162 44.31 17.85 18.80
CA ALA A 1162 42.94 17.75 18.34
C ALA A 1162 42.45 16.30 18.37
N ASP A 1163 43.35 15.35 18.07
CA ASP A 1163 42.96 13.94 18.09
C ASP A 1163 42.46 13.51 19.47
N PHE A 1164 43.07 14.05 20.53
CA PHE A 1164 42.55 13.81 21.87
C PHE A 1164 41.12 14.31 22.01
N PHE A 1165 40.82 15.48 21.43
CA PHE A 1165 39.45 15.99 21.48
C PHE A 1165 38.49 15.10 20.71
N LYS A 1166 38.92 14.59 19.54
CA LYS A 1166 38.08 13.65 18.80
C LYS A 1166 37.80 12.39 19.62
N SER A 1167 38.83 11.85 20.27
CA SER A 1167 38.65 10.65 21.07
C SER A 1167 37.71 10.91 22.24
N LEU A 1168 37.91 12.04 22.94
CA LEU A 1168 37.07 12.37 24.08
C LEU A 1168 35.62 12.54 23.64
N LEU A 1169 35.40 13.20 22.49
CA LEU A 1169 34.05 13.39 21.99
C LEU A 1169 33.43 12.06 21.57
N HIS A 1170 34.22 11.17 20.99
CA HIS A 1170 33.69 9.85 20.61
C HIS A 1170 33.28 9.05 21.84
N LEU A 1171 34.07 9.10 22.90
CA LEU A 1171 33.67 8.46 24.15
C LEU A 1171 32.42 9.13 24.74
N LEU A 1172 32.33 10.46 24.62
CA LEU A 1172 31.13 11.14 25.12
C LEU A 1172 29.88 10.69 24.37
N ARG A 1173 29.97 10.55 23.05
CA ARG A 1173 28.89 9.94 22.31
C ARG A 1173 28.72 8.47 22.67
N LEU A 1174 29.83 7.78 22.93
CA LEU A 1174 29.76 6.39 23.37
C LEU A 1174 29.04 6.26 24.71
N THR A 1175 29.31 7.17 25.64
CA THR A 1175 28.73 7.10 26.98
C THR A 1175 27.35 7.74 27.05
N LEU A 1176 26.65 7.88 25.92
CA LEU A 1176 25.30 8.40 25.92
C LEU A 1176 24.33 7.58 25.07
N GLN A 1177 24.78 6.55 24.37
CA GLN A 1177 23.88 5.72 23.58
C GLN A 1177 23.05 4.83 24.50
N MET A 1178 21.74 4.76 24.25
CA MET A 1178 20.86 3.95 25.08
C MET A 1178 20.90 2.49 24.66
N ARG A 1179 20.71 2.23 23.37
CA ARG A 1179 20.53 0.87 22.87
C ARG A 1179 21.88 0.31 22.45
N ASN A 1180 22.35 -0.71 23.18
CA ASN A 1180 23.59 -1.40 22.87
C ASN A 1180 23.25 -2.69 22.12
N SER A 1181 23.58 -2.73 20.83
CA SER A 1181 23.13 -3.80 19.94
C SER A 1181 24.32 -4.53 19.34
N ILE A 1182 24.15 -5.85 19.19
CA ILE A 1182 25.10 -6.70 18.49
C ILE A 1182 24.37 -7.37 17.32
N THR A 1183 25.00 -7.35 16.15
CA THR A 1183 24.34 -7.89 14.96
C THR A 1183 24.29 -9.42 15.00
N GLY A 1184 25.41 -10.05 15.36
CA GLY A 1184 25.46 -11.51 15.31
C GLY A 1184 24.60 -12.18 16.38
N THR A 1185 24.75 -11.74 17.62
CA THR A 1185 24.07 -12.39 18.74
C THR A 1185 22.73 -11.69 18.99
N GLU A 1186 21.76 -12.45 19.50
CA GLU A 1186 20.41 -11.94 19.72
C GLU A 1186 20.30 -10.98 20.89
N ILE A 1187 21.33 -10.85 21.73
CA ILE A 1187 21.24 -10.00 22.91
C ILE A 1187 21.17 -8.54 22.49
N ASP A 1188 20.21 -7.81 23.07
CA ASP A 1188 20.03 -6.38 22.76
C ASP A 1188 19.42 -5.74 24.00
N TYR A 1189 20.24 -5.01 24.76
CA TYR A 1189 19.84 -4.49 26.05
C TYR A 1189 19.94 -2.97 26.08
N ILE A 1190 18.99 -2.34 26.75
CA ILE A 1190 19.03 -0.91 27.04
C ILE A 1190 19.47 -0.74 28.48
N ILE A 1191 20.49 0.09 28.69
CA ILE A 1191 21.09 0.32 30.00
C ILE A 1191 21.26 1.82 30.22
N SER A 1192 20.81 2.29 31.39
CA SER A 1192 20.73 3.70 31.74
C SER A 1192 22.11 4.28 32.06
N PRO A 1193 22.33 5.56 31.73
CA PRO A 1193 23.54 6.24 32.17
C PRO A 1193 23.40 7.04 33.46
N VAL A 1194 22.19 7.15 34.02
CA VAL A 1194 21.94 7.97 35.19
C VAL A 1194 21.15 7.15 36.21
N ALA A 1195 21.22 7.57 37.46
CA ALA A 1195 20.52 6.93 38.55
C ALA A 1195 19.19 7.62 38.82
N ASN A 1196 18.34 6.96 39.61
CA ASN A 1196 17.03 7.50 39.98
C ASN A 1196 16.86 7.41 41.50
N GLU A 1197 17.36 8.43 42.21
CA GLU A 1197 17.09 8.70 43.62
C GLU A 1197 17.70 7.66 44.57
N ASN A 1198 18.33 6.61 44.06
CA ASN A 1198 18.92 5.61 44.93
C ASN A 1198 20.29 5.13 44.45
N GLY A 1199 20.92 5.83 43.51
CA GLY A 1199 22.20 5.38 42.98
C GLY A 1199 22.13 4.06 42.25
N GLU A 1200 21.02 3.79 41.56
CA GLU A 1200 20.85 2.56 40.79
C GLU A 1200 20.65 2.90 39.32
N PHE A 1201 21.40 2.24 38.45
CA PHE A 1201 21.33 2.46 37.02
C PHE A 1201 20.51 1.34 36.37
N PHE A 1202 19.49 1.74 35.61
CA PHE A 1202 18.61 0.75 34.99
C PHE A 1202 19.39 -0.14 34.04
N ASP A 1203 19.02 -1.42 34.00
CA ASP A 1203 19.62 -2.38 33.10
C ASP A 1203 18.54 -3.37 32.69
N SER A 1204 18.23 -3.41 31.39
CA SER A 1204 17.19 -4.31 30.89
C SER A 1204 17.51 -5.77 31.21
N ARG A 1205 18.78 -6.12 31.26
CA ARG A 1205 19.16 -7.51 31.57
C ARG A 1205 18.67 -7.93 32.94
N LYS A 1206 18.93 -7.12 33.96
CA LYS A 1206 18.45 -7.39 35.32
C LYS A 1206 17.17 -6.61 35.60
N ALA A 1207 16.12 -6.95 34.87
CA ALA A 1207 14.82 -6.30 35.04
C ALA A 1207 14.00 -7.03 36.09
N ASP A 1208 13.02 -6.31 36.64
CA ASP A 1208 12.19 -6.80 37.73
C ASP A 1208 10.76 -7.09 37.28
N GLU A 1209 10.53 -7.22 35.97
CA GLU A 1209 9.25 -7.59 35.37
C GLU A 1209 8.27 -6.42 35.45
N SER A 1210 8.66 -5.35 36.14
CA SER A 1210 7.92 -4.10 36.12
C SER A 1210 8.53 -3.08 35.18
N LEU A 1211 9.59 -3.45 34.47
CA LEU A 1211 10.28 -2.58 33.52
C LEU A 1211 10.55 -3.43 32.28
N PRO A 1212 10.75 -2.77 31.13
CA PRO A 1212 10.99 -3.53 29.89
C PRO A 1212 12.20 -4.45 30.02
N LYS A 1213 12.04 -5.67 29.52
CA LYS A 1213 13.07 -6.70 29.59
C LYS A 1213 14.00 -6.71 28.38
N ASP A 1214 13.73 -5.87 27.37
CA ASP A 1214 14.44 -5.96 26.11
C ASP A 1214 14.55 -4.57 25.51
N ALA A 1215 15.51 -4.42 24.58
CA ALA A 1215 15.69 -3.15 23.91
C ALA A 1215 14.51 -2.82 23.00
N ASP A 1216 13.75 -3.82 22.58
CA ASP A 1216 12.54 -3.60 21.80
C ASP A 1216 11.33 -3.37 22.69
N ALA A 1217 11.35 -3.87 23.92
CA ALA A 1217 10.25 -3.66 24.85
C ALA A 1217 10.10 -2.19 25.23
N ASN A 1218 11.20 -1.44 25.18
CA ASN A 1218 11.17 -0.04 25.60
C ASN A 1218 10.26 0.79 24.69
N GLY A 1219 10.29 0.52 23.38
CA GLY A 1219 9.42 1.25 22.47
C GLY A 1219 7.95 1.03 22.77
N ALA A 1220 7.57 -0.23 22.98
CA ALA A 1220 6.18 -0.54 23.31
C ALA A 1220 5.78 0.07 24.65
N TYR A 1221 6.67 0.00 25.64
CA TYR A 1221 6.36 0.57 26.95
C TYR A 1221 6.17 2.08 26.87
N HIS A 1222 7.01 2.77 26.09
CA HIS A 1222 6.86 4.21 26.00
C HIS A 1222 5.70 4.62 25.11
N ILE A 1223 5.33 3.80 24.13
CA ILE A 1223 4.09 4.06 23.39
C ILE A 1223 2.89 3.91 24.32
N ALA A 1224 2.91 2.90 25.19
CA ALA A 1224 1.86 2.76 26.20
C ALA A 1224 1.82 3.96 27.14
N ARG A 1225 3.00 4.47 27.51
CA ARG A 1225 3.03 5.66 28.37
C ARG A 1225 2.50 6.89 27.64
N LYS A 1226 2.78 7.02 26.35
CA LYS A 1226 2.19 8.09 25.56
C LYS A 1226 0.66 7.98 25.55
N GLY A 1227 0.16 6.75 25.42
CA GLY A 1227 -1.28 6.55 25.52
C GLY A 1227 -1.82 6.91 26.90
N LEU A 1228 -1.05 6.62 27.95
CA LEU A 1228 -1.43 7.04 29.29
C LEU A 1228 -1.53 8.55 29.39
N TRP A 1229 -0.58 9.26 28.78
CA TRP A 1229 -0.64 10.71 28.74
C TRP A 1229 -1.87 11.19 27.98
N VAL A 1230 -2.22 10.51 26.89
CA VAL A 1230 -3.42 10.85 26.15
C VAL A 1230 -4.65 10.67 27.03
N LEU A 1231 -4.70 9.59 27.81
CA LEU A 1231 -5.81 9.36 28.73
C LEU A 1231 -5.88 10.46 29.79
N GLU A 1232 -4.73 10.87 30.33
CA GLU A 1232 -4.73 11.95 31.30
C GLU A 1232 -5.24 13.25 30.69
N GLN A 1233 -4.85 13.54 29.46
CA GLN A 1233 -5.34 14.73 28.78
C GLN A 1233 -6.85 14.67 28.58
N ILE A 1234 -7.36 13.51 28.17
CA ILE A 1234 -8.80 13.34 27.99
C ILE A 1234 -9.54 13.53 29.31
N LYS A 1235 -9.02 12.94 30.38
CA LYS A 1235 -9.69 13.01 31.68
C LYS A 1235 -9.69 14.44 32.23
N GLN A 1236 -8.57 15.15 32.10
CA GLN A 1236 -8.46 16.47 32.70
C GLN A 1236 -9.35 17.48 32.02
N THR A 1237 -9.45 17.43 30.69
CA THR A 1237 -10.19 18.44 29.95
C THR A 1237 -11.70 18.28 30.17
N ASP A 1238 -12.38 19.41 30.40
CA ASP A 1238 -13.83 19.44 30.49
C ASP A 1238 -14.48 19.97 29.22
N ASP A 1239 -13.71 20.07 28.13
CA ASP A 1239 -14.16 20.62 26.86
C ASP A 1239 -14.13 19.56 25.77
N LEU A 1240 -14.61 18.36 26.09
CA LEU A 1240 -14.55 17.23 25.18
C LEU A 1240 -15.29 17.52 23.88
N LYS A 1241 -15.07 16.65 22.90
CA LYS A 1241 -15.49 16.77 21.50
C LYS A 1241 -14.74 17.87 20.77
N LYS A 1242 -13.82 18.57 21.45
CA LYS A 1242 -12.95 19.55 20.80
C LYS A 1242 -11.49 19.42 21.23
N VAL A 1243 -11.19 18.62 22.25
CA VAL A 1243 -9.83 18.54 22.77
C VAL A 1243 -8.90 17.93 21.73
N ASN A 1244 -7.61 18.27 21.82
CA ASN A 1244 -6.59 17.77 20.93
C ASN A 1244 -5.78 16.68 21.62
N LEU A 1245 -5.36 15.68 20.84
CA LEU A 1245 -4.59 14.56 21.36
C LEU A 1245 -3.16 14.50 20.83
N ALA A 1246 -2.82 15.31 19.83
CA ALA A 1246 -1.48 15.30 19.26
C ALA A 1246 -0.48 15.78 20.31
N ILE A 1247 0.33 14.87 20.84
CA ILE A 1247 1.32 15.24 21.83
C ILE A 1247 2.48 16.00 21.16
N SER A 1248 3.15 16.81 21.95
CA SER A 1248 4.32 17.54 21.51
C SER A 1248 5.56 17.03 22.22
N ASN A 1249 6.73 17.26 21.59
CA ASN A 1249 7.97 16.76 22.15
C ASN A 1249 8.26 17.36 23.52
N LYS A 1250 8.00 18.66 23.69
CA LYS A 1250 8.24 19.29 24.98
C LYS A 1250 7.35 18.69 26.06
N GLU A 1251 6.07 18.50 25.75
CA GLU A 1251 5.15 17.91 26.72
C GLU A 1251 5.51 16.47 27.04
N TRP A 1252 5.94 15.70 26.03
CA TRP A 1252 6.36 14.33 26.28
C TRP A 1252 7.61 14.28 27.15
N LEU A 1253 8.58 15.16 26.90
CA LEU A 1253 9.77 15.23 27.73
C LEU A 1253 9.43 15.62 29.16
N GLU A 1254 8.50 16.55 29.33
CA GLU A 1254 8.04 16.90 30.68
C GLU A 1254 7.34 15.73 31.35
N PHE A 1255 6.57 14.96 30.57
CA PHE A 1255 5.84 13.83 31.12
C PHE A 1255 6.80 12.74 31.62
N VAL A 1256 7.80 12.40 30.82
CA VAL A 1256 8.75 11.37 31.26
C VAL A 1256 9.58 11.88 32.43
N GLN A 1257 9.92 13.17 32.42
CA GLN A 1257 10.62 13.80 33.56
C GLN A 1257 9.61 14.51 34.47
N GLU A 1258 8.73 13.73 35.08
CA GLU A 1258 7.66 14.28 35.92
C GLU A 1258 8.04 14.34 37.39
N ARG A 1259 9.34 14.23 37.71
CA ARG A 1259 9.82 14.25 39.08
C ARG A 1259 9.14 13.16 39.90
N LYS A 1260 8.08 13.51 40.61
CA LYS A 1260 7.30 12.54 41.36
C LYS A 1260 6.33 11.82 40.43
N ASN A 1261 6.35 10.49 40.46
CA ASN A 1261 5.47 9.70 39.61
C ASN A 1261 4.13 9.44 40.31
#